data_8CXJ
#
_entry.id   8CXJ
#
_cell.length_a   76.962
_cell.length_b   76.962
_cell.length_c   334.849
_cell.angle_alpha   90.000
_cell.angle_beta   90.000
_cell.angle_gamma   90.000
#
_symmetry.space_group_name_H-M   'P 43'
#
loop_
_entity.id
_entity.type
_entity.pdbx_description
1 polymer 'Carcinoembryonic antigen-related cell adhesion molecule 1'
2 polymer 'Surface protein R28'
3 non-polymer GLYCEROL
4 non-polymer 'SULFATE ION'
5 non-polymer 'CHLORIDE ION'
6 water water
#
loop_
_entity_poly.entity_id
_entity_poly.type
_entity_poly.pdbx_seq_one_letter_code
_entity_poly.pdbx_strand_id
1 'polypeptide(L)'
;MAQLTTESMPFNVAEGKEVLLLVHNLPQQLFGYSWYKGERVDGNRQIVGYAIGTQQATPGPANSGRETIYPNASLLIQNV
TQNDTGFYTLQVIKSDLVNEEATGQFHVY
;
A,C,E,G
2 'polypeptide(L)'
;TAPTLTVTPEQQTVKVDEDITFTVTVEDENEVELGLDDLKAKYENDIIGARVKIKYLTKEPNKKVMEVTIMKATLADKGA
ITFTAKDKAGNQAEPKTVTINVLPLKDSNEPKLPSTGGSHHHHHH
;
D,B,F,H
#
# COMPACT_ATOMS: atom_id res chain seq x y z
N GLN A 3 8.63 -23.46 -18.39
CA GLN A 3 9.67 -24.48 -18.45
C GLN A 3 9.47 -25.53 -17.35
N LEU A 4 9.51 -25.09 -16.09
CA LEU A 4 9.32 -26.00 -14.97
C LEU A 4 7.93 -26.62 -15.05
N THR A 5 7.88 -27.95 -15.06
CA THR A 5 6.62 -28.68 -15.21
C THR A 5 6.59 -29.84 -14.22
N THR A 6 5.37 -30.25 -13.89
CA THR A 6 5.10 -31.38 -13.00
C THR A 6 4.16 -32.36 -13.66
N GLU A 7 4.41 -33.65 -13.44
CA GLU A 7 3.67 -34.74 -14.07
C GLU A 7 3.13 -35.66 -12.99
N SER A 8 1.83 -35.93 -13.02
CA SER A 8 1.20 -36.84 -12.06
C SER A 8 1.26 -38.25 -12.62
N MET A 9 1.89 -39.16 -11.87
CA MET A 9 2.00 -40.56 -12.29
C MET A 9 1.44 -41.48 -11.21
N PRO A 10 0.24 -42.03 -11.41
CA PRO A 10 -0.66 -41.81 -12.53
C PRO A 10 -1.51 -40.56 -12.34
N PHE A 11 -2.05 -39.97 -13.40
CA PHE A 11 -2.91 -38.81 -13.25
C PHE A 11 -4.27 -39.19 -12.66
N ASN A 12 -4.69 -40.43 -12.82
CA ASN A 12 -5.91 -40.94 -12.19
C ASN A 12 -5.51 -42.02 -11.20
N VAL A 13 -5.76 -41.77 -9.93
CA VAL A 13 -5.31 -42.64 -8.85
C VAL A 13 -6.53 -43.26 -8.18
N ALA A 14 -6.47 -44.57 -7.96
CA ALA A 14 -7.51 -45.24 -7.20
C ALA A 14 -7.34 -44.94 -5.72
N GLU A 15 -8.46 -44.87 -5.00
CA GLU A 15 -8.41 -44.55 -3.59
C GLU A 15 -7.62 -45.62 -2.84
N GLY A 16 -6.62 -45.17 -2.07
CA GLY A 16 -5.74 -46.06 -1.34
C GLY A 16 -4.45 -46.44 -2.04
N LYS A 17 -4.23 -45.97 -3.27
CA LYS A 17 -3.02 -46.29 -4.02
C LYS A 17 -2.00 -45.16 -3.83
N GLU A 18 -1.05 -45.05 -4.76
CA GLU A 18 0.04 -44.09 -4.66
C GLU A 18 0.09 -43.25 -5.93
N VAL A 19 0.56 -42.02 -5.78
CA VAL A 19 0.77 -41.12 -6.91
C VAL A 19 2.10 -40.40 -6.70
N LEU A 20 2.93 -40.34 -7.74
CA LEU A 20 4.22 -39.67 -7.69
C LEU A 20 4.19 -38.49 -8.65
N LEU A 21 4.28 -37.29 -8.09
CA LEU A 21 4.28 -36.06 -8.89
C LEU A 21 5.72 -35.73 -9.29
N LEU A 22 6.08 -36.10 -10.51
CA LEU A 22 7.42 -35.86 -11.03
C LEU A 22 7.63 -34.42 -11.47
N VAL A 23 8.88 -33.97 -11.33
CA VAL A 23 9.31 -32.64 -11.75
C VAL A 23 10.37 -32.83 -12.82
N HIS A 24 10.35 -32.00 -13.86
CA HIS A 24 11.27 -32.21 -14.97
C HIS A 24 12.30 -31.10 -15.13
N ASN A 25 11.92 -29.98 -15.73
CA ASN A 25 12.86 -28.88 -15.96
C ASN A 25 13.30 -28.19 -14.68
N LEU A 26 13.94 -28.93 -13.78
CA LEU A 26 14.47 -28.34 -12.55
C LEU A 26 15.61 -27.38 -12.88
N PRO A 27 15.65 -26.21 -12.22
CA PRO A 27 16.68 -25.22 -12.55
C PRO A 27 18.09 -25.70 -12.23
N GLN A 28 19.05 -24.88 -12.63
CA GLN A 28 20.48 -25.19 -12.55
C GLN A 28 20.95 -25.18 -11.10
N GLN A 29 21.08 -24.00 -10.49
CA GLN A 29 21.47 -23.88 -9.09
C GLN A 29 20.22 -23.72 -8.25
N LEU A 30 20.14 -24.49 -7.16
CA LEU A 30 18.92 -24.59 -6.37
C LEU A 30 19.20 -24.37 -4.89
N PHE A 31 18.17 -23.94 -4.18
CA PHE A 31 18.23 -23.73 -2.74
C PHE A 31 17.24 -24.59 -1.97
N GLY A 32 16.05 -24.83 -2.52
CA GLY A 32 15.09 -25.71 -1.88
C GLY A 32 13.83 -25.85 -2.70
N TYR A 33 13.02 -26.84 -2.33
CA TYR A 33 11.72 -27.08 -2.95
C TYR A 33 10.65 -27.06 -1.87
N SER A 34 9.42 -26.70 -2.27
CA SER A 34 8.29 -26.78 -1.37
C SER A 34 7.03 -27.12 -2.16
N TRP A 35 6.25 -28.05 -1.63
CA TRP A 35 4.99 -28.46 -2.24
C TRP A 35 3.83 -27.89 -1.43
N TYR A 36 2.81 -27.41 -2.15
CA TYR A 36 1.64 -26.77 -1.52
C TYR A 36 0.38 -27.36 -2.11
N LYS A 37 -0.59 -27.69 -1.25
CA LYS A 37 -1.91 -28.07 -1.73
C LYS A 37 -2.66 -26.85 -2.22
N GLY A 38 -3.21 -26.93 -3.43
CA GLY A 38 -3.91 -25.82 -4.04
C GLY A 38 -3.11 -25.23 -5.19
N GLU A 39 -3.67 -24.16 -5.76
CA GLU A 39 -3.07 -23.48 -6.90
C GLU A 39 -2.25 -22.26 -6.51
N ARG A 40 -2.03 -22.04 -5.21
CA ARG A 40 -1.31 -20.87 -4.74
C ARG A 40 -0.25 -21.29 -3.73
N VAL A 41 0.83 -20.53 -3.68
CA VAL A 41 1.91 -20.76 -2.72
C VAL A 41 1.53 -20.07 -1.41
N ASP A 42 1.16 -20.86 -0.41
CA ASP A 42 0.74 -20.34 0.88
C ASP A 42 1.33 -21.19 1.99
N GLY A 43 2.01 -20.55 2.93
CA GLY A 43 2.67 -21.28 4.00
C GLY A 43 1.71 -22.10 4.84
N ASN A 44 0.46 -21.65 4.96
CA ASN A 44 -0.55 -22.39 5.70
C ASN A 44 -1.00 -23.65 4.98
N ARG A 45 -0.63 -23.80 3.70
CA ARG A 45 -0.97 -24.99 2.91
C ARG A 45 0.27 -25.75 2.46
N GLN A 46 1.43 -25.47 3.06
CA GLN A 46 2.67 -26.13 2.70
C GLN A 46 2.62 -27.60 3.11
N ILE A 47 2.70 -28.50 2.13
CA ILE A 47 2.71 -29.92 2.44
C ILE A 47 4.04 -30.31 3.09
N VAL A 48 5.15 -30.07 2.39
CA VAL A 48 6.48 -30.46 2.86
C VAL A 48 7.50 -29.53 2.23
N GLY A 49 8.67 -29.46 2.86
CA GLY A 49 9.76 -28.65 2.33
C GLY A 49 11.09 -29.38 2.34
N TYR A 50 11.87 -29.18 1.28
CA TYR A 50 13.19 -29.79 1.13
C TYR A 50 14.23 -28.68 1.02
N ALA A 51 15.32 -28.82 1.77
CA ALA A 51 16.43 -27.87 1.74
C ALA A 51 17.64 -28.52 1.09
N ILE A 52 18.21 -27.84 0.09
CA ILE A 52 19.35 -28.37 -0.63
C ILE A 52 20.54 -28.54 0.32
N GLY A 53 20.81 -27.52 1.14
CA GLY A 53 21.91 -27.54 2.07
C GLY A 53 21.84 -28.67 3.07
N THR A 54 20.78 -28.69 3.90
CA THR A 54 20.64 -29.72 4.92
C THR A 54 20.30 -31.08 4.34
N GLN A 55 19.88 -31.16 3.07
CA GLN A 55 19.47 -32.41 2.44
C GLN A 55 18.42 -33.13 3.29
N GLN A 56 17.56 -32.34 3.94
CA GLN A 56 16.56 -32.85 4.86
C GLN A 56 15.18 -32.38 4.42
N ALA A 57 14.15 -33.10 4.87
CA ALA A 57 12.77 -32.81 4.50
C ALA A 57 11.99 -32.45 5.75
N THR A 58 11.35 -31.29 5.73
CA THR A 58 10.57 -30.79 6.85
C THR A 58 9.10 -30.75 6.52
N PRO A 59 8.25 -31.40 7.32
CA PRO A 59 6.80 -31.34 7.07
C PRO A 59 6.26 -29.92 7.24
N GLY A 60 4.99 -29.76 6.87
CA GLY A 60 4.30 -28.50 7.02
C GLY A 60 2.92 -28.67 7.60
N PRO A 61 2.15 -27.59 7.65
CA PRO A 61 0.80 -27.67 8.23
C PRO A 61 -0.13 -28.63 7.49
N ALA A 62 0.08 -28.84 6.19
CA ALA A 62 -0.80 -29.69 5.39
C ALA A 62 -0.20 -31.06 5.12
N ASN A 63 0.70 -31.53 5.98
CA ASN A 63 1.26 -32.87 5.85
C ASN A 63 0.47 -33.85 6.71
N SER A 64 -0.08 -34.88 6.07
CA SER A 64 -0.79 -35.95 6.76
C SER A 64 0.08 -37.17 7.00
N GLY A 65 1.39 -37.04 6.83
CA GLY A 65 2.31 -38.15 7.02
C GLY A 65 2.45 -39.06 5.82
N ARG A 66 1.56 -38.97 4.84
CA ARG A 66 1.63 -39.81 3.66
C ARG A 66 2.47 -39.18 2.55
N GLU A 67 2.70 -37.88 2.62
CA GLU A 67 3.44 -37.15 1.60
C GLU A 67 4.93 -37.12 1.94
N THR A 68 5.77 -37.41 0.95
CA THR A 68 7.22 -37.43 1.11
C THR A 68 7.89 -36.78 -0.09
N ILE A 69 8.72 -35.77 0.15
CA ILE A 69 9.45 -35.11 -0.91
C ILE A 69 10.84 -35.73 -1.01
N TYR A 70 11.45 -35.62 -2.17
CA TYR A 70 12.72 -36.26 -2.51
C TYR A 70 13.67 -35.24 -3.13
N PRO A 71 14.97 -35.54 -3.16
CA PRO A 71 15.93 -34.56 -3.72
C PRO A 71 15.70 -34.22 -5.18
N ASN A 72 15.01 -35.07 -5.94
CA ASN A 72 14.66 -34.76 -7.31
C ASN A 72 13.42 -33.89 -7.42
N ALA A 73 12.94 -33.33 -6.31
CA ALA A 73 11.77 -32.46 -6.17
C ALA A 73 10.46 -33.22 -6.31
N SER A 74 10.50 -34.52 -6.58
CA SER A 74 9.27 -35.28 -6.77
C SER A 74 8.55 -35.46 -5.45
N LEU A 75 7.22 -35.60 -5.54
CA LEU A 75 6.37 -35.75 -4.36
C LEU A 75 5.61 -37.06 -4.45
N LEU A 76 5.60 -37.81 -3.35
CA LEU A 76 4.93 -39.11 -3.28
C LEU A 76 3.85 -39.05 -2.22
N ILE A 77 2.60 -39.29 -2.63
CA ILE A 77 1.48 -39.37 -1.71
C ILE A 77 1.01 -40.82 -1.69
N GLN A 78 1.07 -41.45 -0.52
CA GLN A 78 0.60 -42.81 -0.40
C GLN A 78 -0.77 -42.85 0.27
N ASN A 79 -1.40 -44.02 0.17
CA ASN A 79 -2.76 -44.25 0.65
C ASN A 79 -3.65 -43.03 0.41
N VAL A 80 -3.73 -42.65 -0.87
CA VAL A 80 -4.41 -41.41 -1.23
C VAL A 80 -5.88 -41.48 -0.84
N THR A 81 -6.41 -40.35 -0.39
CA THR A 81 -7.81 -40.21 -0.03
C THR A 81 -8.50 -39.28 -1.02
N GLN A 82 -9.82 -39.18 -0.88
CA GLN A 82 -10.57 -38.29 -1.77
C GLN A 82 -10.19 -36.84 -1.56
N ASN A 83 -9.90 -36.45 -0.31
CA ASN A 83 -9.51 -35.07 -0.04
C ASN A 83 -8.15 -34.73 -0.64
N ASP A 84 -7.36 -35.73 -1.05
CA ASP A 84 -6.08 -35.47 -1.68
C ASP A 84 -6.22 -35.02 -3.13
N THR A 85 -7.37 -35.21 -3.75
CA THR A 85 -7.56 -34.81 -5.13
C THR A 85 -7.57 -33.30 -5.24
N GLY A 86 -7.21 -32.81 -6.42
CA GLY A 86 -7.25 -31.39 -6.69
C GLY A 86 -5.92 -30.92 -7.21
N PHE A 87 -5.64 -29.63 -7.01
CA PHE A 87 -4.42 -29.01 -7.50
C PHE A 87 -3.33 -29.04 -6.44
N TYR A 88 -2.08 -29.01 -6.93
CA TYR A 88 -0.89 -28.97 -6.10
C TYR A 88 0.08 -27.99 -6.73
N THR A 89 0.71 -27.16 -5.91
CA THR A 89 1.63 -26.14 -6.39
C THR A 89 3.03 -26.45 -5.86
N LEU A 90 4.01 -26.40 -6.76
CA LEU A 90 5.41 -26.60 -6.41
C LEU A 90 6.17 -25.30 -6.64
N GLN A 91 6.89 -24.85 -5.63
CA GLN A 91 7.78 -23.70 -5.76
C GLN A 91 9.22 -24.13 -5.58
N VAL A 92 10.07 -23.80 -6.55
CA VAL A 92 11.49 -24.10 -6.51
C VAL A 92 12.22 -22.80 -6.21
N ILE A 93 12.91 -22.76 -5.07
CA ILE A 93 13.69 -21.60 -4.68
C ILE A 93 15.14 -21.81 -5.14
N LYS A 94 15.61 -20.94 -6.02
CA LYS A 94 16.94 -21.06 -6.59
C LYS A 94 17.97 -20.38 -5.69
N SER A 95 19.24 -20.55 -6.07
CA SER A 95 20.33 -19.94 -5.30
C SER A 95 20.33 -18.42 -5.40
N ASP A 96 19.70 -17.86 -6.42
CA ASP A 96 19.53 -16.41 -6.49
C ASP A 96 18.45 -15.91 -5.55
N LEU A 97 17.81 -16.83 -4.80
CA LEU A 97 16.62 -16.58 -4.00
C LEU A 97 15.44 -16.15 -4.84
N VAL A 98 15.55 -16.23 -6.17
CA VAL A 98 14.42 -16.11 -7.08
C VAL A 98 13.73 -17.47 -7.20
N ASN A 99 12.41 -17.43 -7.37
CA ASN A 99 11.58 -18.63 -7.30
C ASN A 99 10.93 -18.95 -8.64
N GLU A 100 10.79 -20.24 -8.90
CA GLU A 100 10.07 -20.75 -10.06
C GLU A 100 8.92 -21.62 -9.56
N GLU A 101 7.75 -21.43 -10.16
CA GLU A 101 6.53 -22.10 -9.71
C GLU A 101 5.98 -22.97 -10.82
N ALA A 102 5.43 -24.12 -10.42
CA ALA A 102 4.81 -25.05 -11.35
C ALA A 102 3.70 -25.77 -10.60
N THR A 103 2.55 -25.92 -11.24
CA THR A 103 1.38 -26.51 -10.61
C THR A 103 1.01 -27.81 -11.32
N GLY A 104 0.60 -28.80 -10.52
CA GLY A 104 0.12 -30.05 -11.06
C GLY A 104 -1.17 -30.46 -10.37
N GLN A 105 -1.76 -31.55 -10.87
CA GLN A 105 -3.01 -32.04 -10.31
C GLN A 105 -3.18 -33.51 -10.66
N PHE A 106 -4.04 -34.18 -9.90
CA PHE A 106 -4.44 -35.55 -10.20
C PHE A 106 -5.83 -35.78 -9.64
N HIS A 107 -6.50 -36.80 -10.19
CA HIS A 107 -7.88 -37.11 -9.85
C HIS A 107 -7.96 -38.47 -9.17
N VAL A 108 -8.66 -38.51 -8.03
CA VAL A 108 -8.83 -39.74 -7.26
C VAL A 108 -10.20 -40.32 -7.58
N TYR A 109 -10.22 -41.55 -8.07
CA TYR A 109 -11.48 -42.23 -8.35
C TYR A 109 -11.66 -43.43 -7.42
N GLN B 3 44.82 -1.50 34.17
CA GLN B 3 44.51 -0.34 33.35
C GLN B 3 43.23 0.35 33.81
N LEU B 4 42.11 -0.36 33.69
CA LEU B 4 40.82 0.19 34.10
C LEU B 4 40.79 0.42 35.61
N THR B 5 40.52 1.65 36.02
CA THR B 5 40.47 2.01 37.43
C THR B 5 39.26 2.92 37.65
N THR B 6 38.78 2.93 38.89
CA THR B 6 37.66 3.75 39.31
C THR B 6 38.05 4.58 40.52
N GLU B 7 37.56 5.82 40.55
CA GLU B 7 37.91 6.78 41.59
C GLU B 7 36.64 7.34 42.21
N SER B 8 36.55 7.25 43.54
CA SER B 8 35.43 7.81 44.27
C SER B 8 35.76 9.26 44.63
N MET B 9 34.96 10.20 44.14
CA MET B 9 35.16 11.62 44.45
C MET B 9 33.86 12.19 44.98
N PRO B 10 33.77 12.44 46.29
CA PRO B 10 34.79 12.19 47.32
C PRO B 10 34.79 10.75 47.80
N PHE B 11 35.93 10.29 48.32
CA PHE B 11 36.02 8.95 48.90
C PHE B 11 35.31 8.86 50.24
N ASN B 12 35.15 9.98 50.94
CA ASN B 12 34.38 10.05 52.17
C ASN B 12 33.17 10.93 51.93
N VAL B 13 31.98 10.35 52.01
CA VAL B 13 30.74 11.03 51.65
C VAL B 13 29.88 11.18 52.90
N ALA B 14 29.36 12.39 53.11
CA ALA B 14 28.41 12.61 54.18
C ALA B 14 27.05 12.05 53.80
N GLU B 15 26.33 11.54 54.81
CA GLU B 15 25.01 10.96 54.56
C GLU B 15 24.08 12.01 53.98
N GLY B 16 23.47 11.69 52.85
CA GLY B 16 22.61 12.61 52.15
C GLY B 16 23.28 13.45 51.09
N LYS B 17 24.60 13.33 50.93
CA LYS B 17 25.34 14.10 49.94
C LYS B 17 25.47 13.25 48.66
N GLU B 18 26.46 13.58 47.82
CA GLU B 18 26.63 12.91 46.53
C GLU B 18 28.05 12.39 46.40
N VAL B 19 28.19 11.31 45.64
CA VAL B 19 29.48 10.72 45.33
C VAL B 19 29.51 10.36 43.84
N LEU B 20 30.60 10.70 43.16
CA LEU B 20 30.78 10.41 41.75
C LEU B 20 31.93 9.43 41.58
N LEU B 21 31.62 8.23 41.12
CA LEU B 21 32.64 7.21 40.87
C LEU B 21 33.14 7.41 39.45
N LEU B 22 34.26 8.11 39.32
CA LEU B 22 34.86 8.38 38.02
C LEU B 22 35.61 7.14 37.53
N VAL B 23 35.61 6.96 36.21
CA VAL B 23 36.26 5.80 35.59
C VAL B 23 37.39 6.28 34.69
N HIS B 24 38.53 5.61 34.77
CA HIS B 24 39.71 5.96 34.01
C HIS B 24 40.15 4.79 33.14
N ASN B 25 40.78 5.12 32.01
CA ASN B 25 41.32 4.14 31.06
C ASN B 25 40.23 3.24 30.49
N LEU B 26 39.22 3.87 29.89
CA LEU B 26 38.18 3.11 29.19
C LEU B 26 38.74 2.49 27.92
N PRO B 27 38.34 1.26 27.59
CA PRO B 27 38.87 0.59 26.38
C PRO B 27 38.47 1.32 25.10
N GLN B 28 39.05 0.86 23.99
CA GLN B 28 38.90 1.51 22.69
C GLN B 28 37.49 1.36 22.12
N GLN B 29 37.11 0.17 21.67
CA GLN B 29 35.76 -0.09 21.19
C GLN B 29 34.93 -0.66 22.33
N LEU B 30 33.71 -0.15 22.50
CA LEU B 30 32.90 -0.45 23.66
C LEU B 30 31.53 -0.97 23.25
N PHE B 31 30.94 -1.78 24.11
CA PHE B 31 29.60 -2.32 23.89
C PHE B 31 28.62 -1.94 25.00
N GLY B 32 29.07 -1.88 26.25
CA GLY B 32 28.21 -1.47 27.34
C GLY B 32 28.96 -1.47 28.65
N TYR B 33 28.35 -0.84 29.65
CA TYR B 33 28.87 -0.79 31.00
C TYR B 33 27.83 -1.33 31.97
N SER B 34 28.31 -1.86 33.10
CA SER B 34 27.42 -2.27 34.17
C SER B 34 28.10 -2.03 35.52
N TRP B 35 27.33 -1.47 36.45
CA TRP B 35 27.78 -1.25 37.81
C TRP B 35 27.11 -2.25 38.74
N TYR B 36 27.87 -2.79 39.68
CA TYR B 36 27.40 -3.81 40.61
C TYR B 36 27.77 -3.42 42.03
N LYS B 37 26.82 -3.54 42.96
CA LYS B 37 27.15 -3.39 44.37
C LYS B 37 27.87 -4.64 44.85
N GLY B 38 29.00 -4.44 45.51
CA GLY B 38 29.84 -5.53 45.98
C GLY B 38 31.13 -5.60 45.19
N GLU B 39 31.92 -6.62 45.52
CA GLU B 39 33.23 -6.82 44.91
C GLU B 39 33.20 -7.83 43.77
N ARG B 40 32.03 -8.31 43.39
CA ARG B 40 31.90 -9.33 42.37
C ARG B 40 30.86 -8.90 41.35
N VAL B 41 31.04 -9.34 40.11
CA VAL B 41 30.08 -9.07 39.05
C VAL B 41 28.98 -10.13 39.15
N ASP B 42 27.81 -9.72 39.64
CA ASP B 42 26.69 -10.62 39.84
C ASP B 42 25.42 -9.93 39.37
N GLY B 43 24.68 -10.58 38.47
CA GLY B 43 23.50 -9.97 37.89
C GLY B 43 22.44 -9.61 38.92
N ASN B 44 22.37 -10.36 40.03
CA ASN B 44 21.41 -10.05 41.07
C ASN B 44 21.76 -8.78 41.84
N ARG B 45 22.96 -8.24 41.66
CA ARG B 45 23.37 -7.02 42.32
C ARG B 45 23.68 -5.90 41.33
N GLN B 46 23.27 -6.05 40.08
CA GLN B 46 23.52 -5.03 39.06
C GLN B 46 22.73 -3.78 39.39
N ILE B 47 23.45 -2.68 39.65
CA ILE B 47 22.78 -1.41 39.92
C ILE B 47 22.13 -0.88 38.64
N VAL B 48 22.93 -0.70 37.59
CA VAL B 48 22.45 -0.12 36.35
C VAL B 48 23.30 -0.66 35.20
N GLY B 49 22.75 -0.59 34.00
CA GLY B 49 23.47 -0.98 32.81
C GLY B 49 23.31 0.06 31.72
N TYR B 50 24.39 0.31 30.99
CA TYR B 50 24.39 1.28 29.91
C TYR B 50 24.77 0.56 28.62
N ALA B 51 24.02 0.83 27.55
CA ALA B 51 24.27 0.23 26.25
C ALA B 51 24.83 1.28 25.30
N ILE B 52 25.98 0.98 24.69
CA ILE B 52 26.61 1.94 23.79
C ILE B 52 25.72 2.21 22.58
N GLY B 53 25.18 1.16 21.98
CA GLY B 53 24.33 1.28 20.81
C GLY B 53 23.10 2.13 21.04
N THR B 54 22.24 1.70 21.96
CA THR B 54 21.00 2.43 22.23
C THR B 54 21.24 3.75 22.96
N GLN B 55 22.45 3.96 23.50
CA GLN B 55 22.78 5.16 24.28
C GLN B 55 21.77 5.38 25.41
N GLN B 56 21.28 4.28 25.99
CA GLN B 56 20.28 4.32 27.03
C GLN B 56 20.79 3.56 28.24
N ALA B 57 20.21 3.87 29.39
CA ALA B 57 20.61 3.30 30.67
C ALA B 57 19.44 2.52 31.24
N THR B 58 19.67 1.25 31.58
CA THR B 58 18.64 0.39 32.11
C THR B 58 18.95 0.05 33.56
N PRO B 59 18.04 0.30 34.50
CA PRO B 59 18.27 -0.09 35.90
C PRO B 59 18.32 -1.60 36.05
N GLY B 60 18.75 -2.03 37.23
CA GLY B 60 18.80 -3.43 37.58
C GLY B 60 18.31 -3.64 39.00
N PRO B 61 18.40 -4.87 39.49
CA PRO B 61 18.02 -5.14 40.87
C PRO B 61 18.90 -4.36 41.85
N ALA B 62 18.33 -4.04 43.01
CA ALA B 62 18.97 -3.24 44.04
C ALA B 62 19.32 -1.83 43.55
N ASN B 63 18.62 -1.35 42.54
CA ASN B 63 18.76 0.01 42.05
C ASN B 63 17.71 0.90 42.70
N SER B 64 18.16 1.94 43.39
CA SER B 64 17.27 2.95 43.93
C SER B 64 17.23 4.14 42.98
N GLY B 65 16.42 5.14 43.31
CA GLY B 65 16.33 6.32 42.48
C GLY B 65 17.60 7.16 42.47
N ARG B 66 18.57 6.84 43.31
CA ARG B 66 19.75 7.68 43.50
C ARG B 66 20.90 7.39 42.54
N GLU B 67 20.95 6.22 41.93
CA GLU B 67 22.07 5.85 41.07
C GLU B 67 21.80 6.20 39.61
N THR B 68 22.77 6.84 38.97
CA THR B 68 22.68 7.25 37.56
C THR B 68 24.01 6.99 36.86
N ILE B 69 23.99 6.22 35.77
CA ILE B 69 25.18 5.96 34.98
C ILE B 69 25.20 6.92 33.79
N TYR B 70 26.40 7.16 33.27
CA TYR B 70 26.64 8.12 32.21
C TYR B 70 27.46 7.50 31.10
N PRO B 71 27.47 8.10 29.90
CA PRO B 71 28.23 7.51 28.78
C PRO B 71 29.72 7.40 29.03
N ASN B 72 30.28 8.19 29.94
CA ASN B 72 31.68 8.05 30.30
C ASN B 72 31.92 6.95 31.33
N ALA B 73 30.91 6.11 31.57
CA ALA B 73 30.90 4.99 32.51
C ALA B 73 30.84 5.44 33.96
N SER B 74 30.85 6.75 34.24
CA SER B 74 30.85 7.21 35.62
C SER B 74 29.50 6.99 36.26
N LEU B 75 29.51 6.82 37.58
CA LEU B 75 28.31 6.56 38.36
C LEU B 75 28.17 7.62 39.43
N LEU B 76 26.96 8.18 39.55
CA LEU B 76 26.68 9.24 40.52
C LEU B 76 25.55 8.77 41.43
N ILE B 77 25.82 8.74 42.74
CA ILE B 77 24.82 8.37 43.74
C ILE B 77 24.50 9.61 44.58
N GLN B 78 23.23 9.98 44.60
CA GLN B 78 22.73 11.10 45.40
C GLN B 78 22.09 10.57 46.68
N ASN B 79 21.85 11.49 47.62
CA ASN B 79 21.29 11.19 48.93
C ASN B 79 21.83 9.87 49.48
N VAL B 80 23.16 9.83 49.63
CA VAL B 80 23.81 8.59 50.03
C VAL B 80 23.30 8.16 51.40
N THR B 81 23.07 6.87 51.56
CA THR B 81 22.61 6.29 52.81
C THR B 81 23.71 5.43 53.40
N GLN B 82 23.46 4.95 54.61
CA GLN B 82 24.46 4.10 55.28
C GLN B 82 24.67 2.81 54.52
N ASN B 83 23.60 2.23 53.98
CA ASN B 83 23.70 0.99 53.22
C ASN B 83 24.42 1.15 51.89
N ASP B 84 24.60 2.39 51.41
CA ASP B 84 25.32 2.61 50.15
C ASP B 84 26.82 2.43 50.30
N THR B 85 27.35 2.43 51.52
CA THR B 85 28.77 2.27 51.72
C THR B 85 29.21 0.86 51.35
N GLY B 86 30.48 0.73 50.97
CA GLY B 86 31.04 -0.56 50.67
C GLY B 86 31.72 -0.54 49.31
N PHE B 87 31.81 -1.72 48.71
CA PHE B 87 32.47 -1.87 47.43
C PHE B 87 31.49 -1.78 46.27
N TYR B 88 32.02 -1.39 45.12
CA TYR B 88 31.25 -1.31 43.88
C TYR B 88 32.12 -1.84 42.75
N THR B 89 31.54 -2.67 41.90
CA THR B 89 32.26 -3.28 40.79
C THR B 89 31.68 -2.78 39.46
N LEU B 90 32.56 -2.36 38.56
CA LEU B 90 32.19 -1.94 37.21
C LEU B 90 32.78 -2.92 36.21
N GLN B 91 31.95 -3.44 35.32
CA GLN B 91 32.40 -4.30 34.23
C GLN B 91 32.16 -3.59 32.91
N VAL B 92 33.20 -3.51 32.08
CA VAL B 92 33.12 -2.91 30.76
C VAL B 92 33.13 -4.03 29.74
N ILE B 93 32.05 -4.14 28.97
CA ILE B 93 31.94 -5.13 27.91
C ILE B 93 32.36 -4.48 26.60
N LYS B 94 33.43 -4.99 26.01
CA LYS B 94 33.97 -4.41 24.78
C LYS B 94 33.27 -4.99 23.56
N SER B 95 33.61 -4.44 22.39
CA SER B 95 33.01 -4.92 21.15
C SER B 95 33.44 -6.34 20.82
N ASP B 96 34.58 -6.80 21.34
CA ASP B 96 34.97 -8.19 21.21
C ASP B 96 34.18 -9.10 22.14
N LEU B 97 33.27 -8.53 22.93
CA LEU B 97 32.52 -9.20 23.99
C LEU B 97 33.45 -9.69 25.10
N VAL B 98 34.71 -9.28 25.11
CA VAL B 98 35.60 -9.49 26.24
C VAL B 98 35.37 -8.38 27.26
N ASN B 99 35.52 -8.72 28.53
CA ASN B 99 35.14 -7.82 29.62
C ASN B 99 36.37 -7.37 30.40
N GLU B 100 36.34 -6.12 30.86
CA GLU B 100 37.34 -5.56 31.75
C GLU B 100 36.66 -5.16 33.04
N GLU B 101 37.29 -5.48 34.16
CA GLU B 101 36.69 -5.29 35.46
C GLU B 101 37.51 -4.32 36.30
N ALA B 102 36.82 -3.50 37.08
CA ALA B 102 37.46 -2.56 37.99
C ALA B 102 36.53 -2.35 39.17
N THR B 103 37.08 -2.36 40.38
CA THR B 103 36.31 -2.23 41.60
C THR B 103 36.70 -0.95 42.33
N GLY B 104 35.70 -0.26 42.89
CA GLY B 104 35.93 0.92 43.69
C GLY B 104 35.12 0.85 44.97
N GLN B 105 35.35 1.84 45.83
CA GLN B 105 34.65 1.88 47.11
C GLN B 105 34.65 3.31 47.64
N PHE B 106 33.72 3.57 48.55
CA PHE B 106 33.69 4.81 49.31
C PHE B 106 33.04 4.53 50.66
N HIS B 107 33.32 5.41 51.62
CA HIS B 107 32.86 5.28 53.00
C HIS B 107 31.97 6.46 53.34
N VAL B 108 30.80 6.19 53.92
CA VAL B 108 29.85 7.22 54.28
C VAL B 108 30.01 7.53 55.77
N TYR B 109 30.24 8.80 56.08
CA TYR B 109 30.36 9.24 57.47
C TYR B 109 29.18 10.11 57.88
N GLN C 3 -15.24 10.93 -11.58
CA GLN C 3 -15.99 11.97 -10.88
C GLN C 3 -15.31 13.33 -11.03
N LEU C 4 -14.12 13.45 -10.45
CA LEU C 4 -13.35 14.69 -10.53
C LEU C 4 -12.93 14.94 -11.98
N THR C 5 -13.30 16.11 -12.52
CA THR C 5 -12.96 16.46 -13.88
C THR C 5 -12.49 17.91 -13.94
N THR C 6 -11.63 18.19 -14.91
CA THR C 6 -11.17 19.54 -15.17
C THR C 6 -11.31 19.84 -16.66
N GLU C 7 -11.77 21.06 -16.98
CA GLU C 7 -12.00 21.45 -18.35
C GLU C 7 -11.38 22.82 -18.61
N SER C 8 -10.63 22.93 -19.69
CA SER C 8 -9.94 24.16 -20.07
C SER C 8 -10.84 25.11 -20.86
N MET C 9 -10.95 26.34 -20.39
CA MET C 9 -11.73 27.37 -21.07
C MET C 9 -10.87 28.60 -21.36
N PRO C 10 -10.46 28.84 -22.60
CA PRO C 10 -10.68 27.99 -23.78
C PRO C 10 -9.62 26.91 -23.90
N PHE C 11 -9.89 25.80 -24.58
CA PHE C 11 -8.87 24.79 -24.80
C PHE C 11 -7.85 25.23 -25.86
N ASN C 12 -8.20 26.20 -26.69
CA ASN C 12 -7.26 26.79 -27.64
C ASN C 12 -7.03 28.24 -27.23
N VAL C 13 -5.82 28.55 -26.78
CA VAL C 13 -5.47 29.84 -26.21
C VAL C 13 -4.46 30.53 -27.11
N ALA C 14 -4.69 31.80 -27.39
CA ALA C 14 -3.71 32.60 -28.11
C ALA C 14 -2.57 32.99 -27.17
N GLU C 15 -1.36 33.08 -27.75
CA GLU C 15 -0.19 33.43 -26.95
C GLU C 15 -0.35 34.82 -26.35
N GLY C 16 -0.17 34.90 -25.03
CA GLY C 16 -0.34 36.15 -24.32
C GLY C 16 -1.72 36.37 -23.74
N LYS C 17 -2.65 35.47 -23.99
CA LYS C 17 -4.02 35.59 -23.50
C LYS C 17 -4.15 34.82 -22.18
N GLU C 18 -5.37 34.45 -21.82
CA GLU C 18 -5.65 33.81 -20.54
C GLU C 18 -6.40 32.51 -20.76
N VAL C 19 -6.18 31.56 -19.85
CA VAL C 19 -6.90 30.29 -19.84
C VAL C 19 -7.26 29.97 -18.40
N LEU C 20 -8.50 29.56 -18.17
CA LEU C 20 -8.98 29.20 -16.85
C LEU C 20 -9.31 27.72 -16.82
N LEU C 21 -8.59 26.97 -15.99
CA LEU C 21 -8.80 25.54 -15.83
C LEU C 21 -9.89 25.33 -14.78
N LEU C 22 -11.12 25.10 -15.25
CA LEU C 22 -12.24 24.89 -14.34
C LEU C 22 -12.18 23.48 -13.76
N VAL C 23 -12.61 23.34 -12.52
CA VAL C 23 -12.63 22.06 -11.83
C VAL C 23 -14.09 21.74 -11.49
N HIS C 24 -14.49 20.50 -11.76
CA HIS C 24 -15.86 20.07 -11.52
C HIS C 24 -15.87 18.89 -10.57
N ASN C 25 -16.98 18.73 -9.85
CA ASN C 25 -17.20 17.65 -8.90
C ASN C 25 -16.08 17.59 -7.86
N LEU C 26 -15.90 18.72 -7.16
CA LEU C 26 -14.95 18.76 -6.07
C LEU C 26 -15.47 17.91 -4.91
N PRO C 27 -14.60 17.15 -4.23
CA PRO C 27 -15.07 16.32 -3.12
C PRO C 27 -15.60 17.15 -1.96
N GLN C 28 -16.23 16.46 -1.00
CA GLN C 28 -16.92 17.11 0.11
C GLN C 28 -15.95 17.72 1.12
N GLN C 29 -15.25 16.91 1.92
CA GLN C 29 -14.24 17.42 2.84
C GLN C 29 -12.88 17.36 2.18
N LEU C 30 -12.12 18.45 2.30
CA LEU C 30 -10.87 18.59 1.57
C LEU C 30 -9.76 18.96 2.53
N PHE C 31 -8.54 18.62 2.12
CA PHE C 31 -7.33 18.94 2.86
C PHE C 31 -6.38 19.81 2.07
N GLY C 32 -6.29 19.62 0.76
CA GLY C 32 -5.47 20.48 -0.07
C GLY C 32 -5.57 20.06 -1.52
N TYR C 33 -5.07 20.95 -2.39
CA TYR C 33 -4.99 20.72 -3.81
C TYR C 33 -3.55 20.86 -4.27
N SER C 34 -3.22 20.18 -5.35
CA SER C 34 -1.93 20.37 -5.99
C SER C 34 -2.12 20.23 -7.50
N TRP C 35 -1.56 21.18 -8.25
CA TRP C 35 -1.59 21.16 -9.71
C TRP C 35 -0.21 20.80 -10.23
N TYR C 36 -0.18 19.97 -11.27
CA TYR C 36 1.07 19.48 -11.83
C TYR C 36 1.04 19.66 -13.33
N LYS C 37 2.14 20.18 -13.89
CA LYS C 37 2.28 20.20 -15.34
C LYS C 37 2.55 18.80 -15.85
N GLY C 38 1.80 18.37 -16.85
CA GLY C 38 1.92 17.03 -17.37
C GLY C 38 0.71 16.18 -17.02
N GLU C 39 0.79 14.91 -17.42
CA GLU C 39 -0.28 13.96 -17.22
C GLU C 39 -0.09 13.09 -15.98
N ARG C 40 0.95 13.34 -15.20
CA ARG C 40 1.26 12.52 -14.04
C ARG C 40 1.50 13.39 -12.82
N VAL C 41 1.21 12.82 -11.65
CA VAL C 41 1.44 13.51 -10.38
C VAL C 41 2.90 13.30 -10.01
N ASP C 42 3.71 14.34 -10.16
CA ASP C 42 5.14 14.28 -9.88
C ASP C 42 5.55 15.57 -9.18
N GLY C 43 6.20 15.43 -8.02
CA GLY C 43 6.58 16.60 -7.25
C GLY C 43 7.51 17.54 -7.99
N ASN C 44 8.34 16.99 -8.89
CA ASN C 44 9.25 17.83 -9.67
C ASN C 44 8.53 18.66 -10.72
N ARG C 45 7.24 18.39 -10.96
CA ARG C 45 6.45 19.14 -11.92
C ARG C 45 5.29 19.89 -11.27
N GLN C 46 5.30 19.99 -9.93
CA GLN C 46 4.23 20.68 -9.21
C GLN C 46 4.31 22.18 -9.48
N ILE C 47 3.27 22.74 -10.11
CA ILE C 47 3.23 24.19 -10.31
C ILE C 47 2.94 24.90 -8.98
N VAL C 48 1.87 24.51 -8.30
CA VAL C 48 1.43 25.17 -7.07
C VAL C 48 0.75 24.17 -6.15
N GLY C 49 0.72 24.50 -4.87
CA GLY C 49 0.01 23.70 -3.88
C GLY C 49 -0.80 24.61 -2.98
N TYR C 50 -2.02 24.19 -2.69
CA TYR C 50 -2.95 24.97 -1.87
C TYR C 50 -3.39 24.14 -0.67
N ALA C 51 -3.38 24.76 0.51
CA ALA C 51 -3.79 24.10 1.74
C ALA C 51 -5.13 24.67 2.19
N ILE C 52 -6.10 23.79 2.43
CA ILE C 52 -7.45 24.22 2.80
C ILE C 52 -7.43 24.97 4.13
N GLY C 53 -6.73 24.43 5.12
CA GLY C 53 -6.67 25.05 6.43
C GLY C 53 -6.08 26.44 6.43
N THR C 54 -4.81 26.55 6.02
CA THR C 54 -4.12 27.84 6.03
C THR C 54 -4.63 28.79 4.96
N GLN C 55 -5.38 28.30 3.98
CA GLN C 55 -5.87 29.12 2.87
C GLN C 55 -4.73 29.86 2.18
N GLN C 56 -3.57 29.20 2.09
CA GLN C 56 -2.38 29.79 1.52
C GLN C 56 -1.89 28.93 0.35
N ALA C 57 -1.14 29.56 -0.54
CA ALA C 57 -0.65 28.91 -1.75
C ALA C 57 0.87 28.93 -1.77
N THR C 58 1.48 27.76 -1.93
CA THR C 58 2.92 27.64 -1.99
C THR C 58 3.34 27.23 -3.39
N PRO C 59 4.26 27.97 -4.01
CA PRO C 59 4.72 27.60 -5.36
C PRO C 59 5.45 26.27 -5.37
N GLY C 60 5.74 25.80 -6.58
CA GLY C 60 6.49 24.60 -6.79
C GLY C 60 7.53 24.79 -7.87
N PRO C 61 8.22 23.71 -8.26
CA PRO C 61 9.26 23.84 -9.30
C PRO C 61 8.75 24.33 -10.63
N ALA C 62 7.44 24.23 -10.90
CA ALA C 62 6.88 24.59 -12.20
C ALA C 62 5.99 25.85 -12.11
N ASN C 63 6.28 26.73 -11.15
CA ASN C 63 5.55 27.98 -11.01
C ASN C 63 6.26 29.08 -11.81
N SER C 64 5.53 29.69 -12.73
CA SER C 64 6.02 30.82 -13.51
C SER C 64 5.55 32.17 -12.97
N GLY C 65 4.73 32.18 -11.91
CA GLY C 65 4.21 33.40 -11.34
C GLY C 65 2.94 33.91 -11.97
N ARG C 66 2.55 33.38 -13.13
CA ARG C 66 1.33 33.76 -13.82
C ARG C 66 0.14 32.92 -13.37
N GLU C 67 0.41 31.84 -12.64
CA GLU C 67 -0.63 30.92 -12.21
C GLU C 67 -1.27 31.41 -10.93
N THR C 68 -2.59 31.29 -10.85
CA THR C 68 -3.34 31.72 -9.68
C THR C 68 -4.30 30.60 -9.29
N ILE C 69 -4.15 30.08 -8.07
CA ILE C 69 -5.01 29.01 -7.57
C ILE C 69 -6.12 29.64 -6.74
N TYR C 70 -7.24 28.94 -6.67
CA TYR C 70 -8.42 29.44 -5.97
C TYR C 70 -8.97 28.35 -5.07
N PRO C 71 -9.76 28.72 -4.06
CA PRO C 71 -10.32 27.70 -3.15
C PRO C 71 -11.27 26.72 -3.81
N ASN C 72 -11.85 27.06 -4.96
CA ASN C 72 -12.66 26.10 -5.69
C ASN C 72 -11.81 25.17 -6.55
N ALA C 73 -10.49 25.17 -6.34
CA ALA C 73 -9.48 24.37 -7.02
C ALA C 73 -9.18 24.82 -8.44
N SER C 74 -9.88 25.83 -8.96
CA SER C 74 -9.65 26.25 -10.34
C SER C 74 -8.31 26.95 -10.46
N LEU C 75 -7.72 26.86 -11.65
CA LEU C 75 -6.42 27.43 -11.95
C LEU C 75 -6.52 28.40 -13.11
N LEU C 76 -5.95 29.59 -12.95
CA LEU C 76 -5.99 30.64 -13.96
C LEU C 76 -4.56 31.00 -14.35
N ILE C 77 -4.24 30.88 -15.64
CA ILE C 77 -2.92 31.24 -16.16
C ILE C 77 -3.07 32.45 -17.07
N GLN C 78 -2.35 33.53 -16.74
CA GLN C 78 -2.35 34.74 -17.55
C GLN C 78 -1.09 34.81 -18.41
N ASN C 79 -1.15 35.69 -19.40
CA ASN C 79 -0.07 35.89 -20.39
C ASN C 79 0.61 34.57 -20.74
N VAL C 80 -0.19 33.65 -21.25
CA VAL C 80 0.28 32.29 -21.52
C VAL C 80 1.39 32.30 -22.56
N THR C 81 2.36 31.41 -22.37
CA THR C 81 3.48 31.24 -23.29
C THR C 81 3.36 29.92 -24.02
N GLN C 82 4.27 29.72 -24.98
CA GLN C 82 4.26 28.48 -25.75
C GLN C 82 4.53 27.27 -24.87
N ASN C 83 5.43 27.40 -23.90
CA ASN C 83 5.74 26.30 -23.00
C ASN C 83 4.59 25.94 -22.08
N ASP C 84 3.58 26.81 -21.96
CA ASP C 84 2.42 26.51 -21.12
C ASP C 84 1.48 25.49 -21.76
N THR C 85 1.60 25.24 -23.06
CA THR C 85 0.73 24.30 -23.73
C THR C 85 1.00 22.88 -23.24
N GLY C 86 -0.02 22.04 -23.31
CA GLY C 86 0.15 20.64 -22.95
C GLY C 86 -0.89 20.24 -21.93
N PHE C 87 -0.56 19.21 -21.16
CA PHE C 87 -1.46 18.64 -20.17
C PHE C 87 -1.21 19.24 -18.79
N TYR C 88 -2.26 19.20 -17.96
CA TYR C 88 -2.19 19.64 -16.58
C TYR C 88 -2.96 18.65 -15.73
N THR C 89 -2.37 18.25 -14.60
CA THR C 89 -2.98 17.27 -13.71
C THR C 89 -3.27 17.91 -12.36
N LEU C 90 -4.46 17.66 -11.85
CA LEU C 90 -4.87 18.14 -10.54
C LEU C 90 -5.07 16.96 -9.61
N GLN C 91 -4.44 17.01 -8.44
CA GLN C 91 -4.63 16.01 -7.40
C GLN C 91 -5.31 16.69 -6.22
N VAL C 92 -6.42 16.12 -5.78
CA VAL C 92 -7.17 16.62 -4.64
C VAL C 92 -6.94 15.68 -3.47
N ILE C 93 -6.34 16.20 -2.40
CA ILE C 93 -6.10 15.43 -1.19
C ILE C 93 -7.27 15.70 -0.24
N LYS C 94 -8.02 14.65 0.08
CA LYS C 94 -9.19 14.80 0.92
C LYS C 94 -8.80 14.74 2.39
N SER C 95 -9.79 14.98 3.27
CA SER C 95 -9.52 14.91 4.70
C SER C 95 -9.27 13.48 5.15
N ASP C 96 -9.74 12.49 4.38
CA ASP C 96 -9.44 11.09 4.60
C ASP C 96 -8.04 10.71 4.14
N LEU C 97 -7.29 11.66 3.58
CA LEU C 97 -5.99 11.44 2.94
C LEU C 97 -6.06 10.53 1.73
N VAL C 98 -7.26 10.20 1.27
CA VAL C 98 -7.43 9.56 -0.03
C VAL C 98 -7.43 10.65 -1.11
N ASN C 99 -6.87 10.35 -2.26
CA ASN C 99 -6.62 11.34 -3.29
C ASN C 99 -7.46 11.07 -4.53
N GLU C 100 -7.91 12.15 -5.17
CA GLU C 100 -8.61 12.09 -6.43
C GLU C 100 -7.82 12.88 -7.48
N GLU C 101 -7.67 12.30 -8.66
CA GLU C 101 -6.83 12.87 -9.70
C GLU C 101 -7.67 13.16 -10.95
N ALA C 102 -7.34 14.25 -11.64
CA ALA C 102 -8.01 14.63 -12.87
C ALA C 102 -7.03 15.40 -13.75
N THR C 103 -7.02 15.07 -15.04
CA THR C 103 -6.09 15.68 -15.98
C THR C 103 -6.85 16.44 -17.05
N GLY C 104 -6.33 17.61 -17.41
CA GLY C 104 -6.88 18.42 -18.48
C GLY C 104 -5.77 18.90 -19.41
N GLN C 105 -6.18 19.62 -20.44
CA GLN C 105 -5.19 20.11 -21.41
C GLN C 105 -5.75 21.33 -22.13
N PHE C 106 -4.82 22.11 -22.67
CA PHE C 106 -5.16 23.19 -23.60
C PHE C 106 -3.97 23.39 -24.53
N HIS C 107 -4.24 23.97 -25.70
CA HIS C 107 -3.24 24.16 -26.73
C HIS C 107 -3.05 25.65 -26.97
N VAL C 108 -1.80 26.10 -27.00
CA VAL C 108 -1.45 27.49 -27.21
C VAL C 108 -1.07 27.67 -28.67
N TYR C 109 -1.76 28.57 -29.36
CA TYR C 109 -1.43 28.85 -30.75
C TYR C 109 -0.88 30.27 -30.89
N GLN D 3 -26.35 13.60 -14.68
CA GLN D 3 -25.37 12.95 -15.54
C GLN D 3 -25.13 13.78 -16.79
N LEU D 4 -26.17 13.93 -17.60
CA LEU D 4 -26.08 14.73 -18.82
C LEU D 4 -25.84 16.19 -18.47
N THR D 5 -24.76 16.76 -19.02
CA THR D 5 -24.39 18.15 -18.76
C THR D 5 -24.00 18.82 -20.06
N THR D 6 -24.18 20.15 -20.09
CA THR D 6 -23.78 20.96 -21.22
C THR D 6 -22.93 22.13 -20.74
N GLU D 7 -21.87 22.44 -21.49
CA GLU D 7 -20.93 23.49 -21.13
C GLU D 7 -20.72 24.41 -22.32
N SER D 8 -20.82 25.72 -22.07
CA SER D 8 -20.62 26.72 -23.10
C SER D 8 -19.14 27.05 -23.23
N MET D 9 -18.61 26.93 -24.44
CA MET D 9 -17.20 27.23 -24.70
C MET D 9 -17.10 28.30 -25.78
N PRO D 10 -16.82 29.56 -25.42
CA PRO D 10 -16.67 30.11 -24.08
C PRO D 10 -18.02 30.51 -23.49
N PHE D 11 -18.19 30.63 -22.17
CA PHE D 11 -19.46 31.12 -21.65
C PHE D 11 -19.67 32.61 -21.89
N ASN D 12 -18.61 33.37 -22.15
CA ASN D 12 -18.72 34.77 -22.50
C ASN D 12 -18.26 34.94 -23.94
N VAL D 13 -19.19 35.28 -24.83
CA VAL D 13 -18.96 35.34 -26.27
C VAL D 13 -19.11 36.78 -26.74
N ALA D 14 -18.16 37.25 -27.54
CA ALA D 14 -18.28 38.56 -28.16
C ALA D 14 -19.28 38.50 -29.31
N GLU D 15 -19.99 39.61 -29.51
CA GLU D 15 -20.99 39.67 -30.57
C GLU D 15 -20.34 39.46 -31.93
N GLY D 16 -20.88 38.51 -32.70
CA GLY D 16 -20.34 38.15 -33.98
C GLY D 16 -19.35 37.03 -33.97
N LYS D 17 -18.99 36.52 -32.80
CA LYS D 17 -18.02 35.43 -32.68
C LYS D 17 -18.77 34.10 -32.64
N GLU D 18 -18.14 33.07 -32.10
CA GLU D 18 -18.69 31.73 -32.12
C GLU D 18 -18.72 31.16 -30.70
N VAL D 19 -19.71 30.31 -30.45
CA VAL D 19 -19.84 29.60 -29.18
C VAL D 19 -20.21 28.16 -29.48
N LEU D 20 -19.54 27.22 -28.81
CA LEU D 20 -19.79 25.79 -28.98
C LEU D 20 -20.32 25.24 -27.67
N LEU D 21 -21.57 24.77 -27.69
CA LEU D 21 -22.20 24.18 -26.51
C LEU D 21 -21.83 22.71 -26.48
N LEU D 22 -20.82 22.38 -25.67
CA LEU D 22 -20.35 21.01 -25.55
C LEU D 22 -21.33 20.20 -24.72
N VAL D 23 -21.50 18.93 -25.08
CA VAL D 23 -22.39 18.02 -24.37
C VAL D 23 -21.56 16.89 -23.78
N HIS D 24 -21.83 16.56 -22.53
CA HIS D 24 -21.09 15.53 -21.82
C HIS D 24 -22.03 14.43 -21.35
N ASN D 25 -21.45 13.28 -21.03
CA ASN D 25 -22.17 12.10 -20.56
C ASN D 25 -23.42 11.82 -21.40
N LEU D 26 -23.19 11.63 -22.70
CA LEU D 26 -24.27 11.26 -23.59
C LEU D 26 -24.75 9.84 -23.26
N PRO D 27 -26.06 9.59 -23.30
CA PRO D 27 -26.56 8.25 -22.96
C PRO D 27 -26.08 7.20 -23.96
N GLN D 28 -26.32 5.94 -23.61
CA GLN D 28 -25.79 4.82 -24.38
C GLN D 28 -26.48 4.66 -25.73
N GLN D 29 -27.73 4.18 -25.75
CA GLN D 29 -28.48 4.06 -27.00
C GLN D 29 -29.36 5.29 -27.17
N LEU D 30 -29.36 5.87 -28.37
CA LEU D 30 -30.00 7.15 -28.59
C LEU D 30 -30.97 7.06 -29.76
N PHE D 31 -31.96 7.95 -29.73
CA PHE D 31 -32.96 8.09 -30.79
C PHE D 31 -32.94 9.45 -31.44
N GLY D 32 -32.68 10.51 -30.68
CA GLY D 32 -32.58 11.84 -31.25
C GLY D 32 -32.24 12.86 -30.19
N TYR D 33 -31.86 14.04 -30.67
CA TYR D 33 -31.57 15.20 -29.83
C TYR D 33 -32.45 16.36 -30.26
N SER D 34 -32.72 17.25 -29.30
CA SER D 34 -33.43 18.49 -29.61
C SER D 34 -32.89 19.59 -28.70
N TRP D 35 -32.59 20.74 -29.29
CA TRP D 35 -32.13 21.92 -28.56
C TRP D 35 -33.25 22.94 -28.49
N TYR D 36 -33.40 23.57 -27.32
CA TYR D 36 -34.46 24.53 -27.07
C TYR D 36 -33.85 25.78 -26.45
N LYS D 37 -34.24 26.94 -26.95
CA LYS D 37 -33.84 28.18 -26.31
C LYS D 37 -34.65 28.37 -25.03
N GLY D 38 -33.96 28.66 -23.94
CA GLY D 38 -34.60 28.80 -22.64
C GLY D 38 -34.23 27.65 -21.70
N GLU D 39 -34.85 27.69 -20.52
CA GLU D 39 -34.59 26.72 -19.48
C GLU D 39 -35.63 25.60 -19.44
N ARG D 40 -36.54 25.56 -20.41
CA ARG D 40 -37.60 24.58 -20.45
C ARG D 40 -37.67 23.94 -21.83
N VAL D 41 -38.13 22.70 -21.86
CA VAL D 41 -38.35 21.98 -23.12
C VAL D 41 -39.73 22.39 -23.65
N ASP D 42 -39.73 23.22 -24.69
CA ASP D 42 -40.97 23.70 -25.28
C ASP D 42 -40.85 23.70 -26.79
N GLY D 43 -41.82 23.06 -27.45
CA GLY D 43 -41.76 22.95 -28.90
C GLY D 43 -41.75 24.28 -29.62
N ASN D 44 -42.35 25.30 -29.01
CA ASN D 44 -42.37 26.63 -29.61
C ASN D 44 -41.00 27.30 -29.57
N ARG D 45 -40.05 26.76 -28.81
CA ARG D 45 -38.71 27.31 -28.72
C ARG D 45 -37.65 26.32 -29.19
N GLN D 46 -38.06 25.27 -29.90
CA GLN D 46 -37.11 24.26 -30.38
C GLN D 46 -36.19 24.85 -31.43
N ILE D 47 -34.89 24.88 -31.14
CA ILE D 47 -33.92 25.37 -32.11
C ILE D 47 -33.80 24.40 -33.28
N VAL D 48 -33.43 23.16 -32.99
CA VAL D 48 -33.22 22.15 -34.03
C VAL D 48 -33.49 20.78 -33.44
N GLY D 49 -33.73 19.82 -34.32
CA GLY D 49 -33.90 18.43 -33.91
C GLY D 49 -33.05 17.54 -34.79
N TYR D 50 -32.41 16.57 -34.17
CA TYR D 50 -31.52 15.64 -34.86
C TYR D 50 -32.02 14.23 -34.63
N ALA D 51 -32.08 13.44 -35.70
CA ALA D 51 -32.52 12.05 -35.63
C ALA D 51 -31.32 11.13 -35.82
N ILE D 52 -31.14 10.21 -34.87
CA ILE D 52 -29.99 9.31 -34.93
C ILE D 52 -30.06 8.44 -36.17
N GLY D 53 -31.22 7.86 -36.45
CA GLY D 53 -31.40 7.00 -37.60
C GLY D 53 -31.14 7.70 -38.93
N THR D 54 -31.93 8.72 -39.22
CA THR D 54 -31.81 9.42 -40.50
C THR D 54 -30.55 10.28 -40.59
N GLN D 55 -29.89 10.55 -39.45
CA GLN D 55 -28.70 11.41 -39.42
C GLN D 55 -28.96 12.77 -40.07
N GLN D 56 -30.18 13.28 -39.88
CA GLN D 56 -30.60 14.53 -40.49
C GLN D 56 -31.04 15.51 -39.42
N ALA D 57 -31.01 16.79 -39.77
CA ALA D 57 -31.32 17.87 -38.85
C ALA D 57 -32.52 18.66 -39.37
N THR D 58 -33.54 18.80 -38.53
CA THR D 58 -34.74 19.52 -38.89
C THR D 58 -34.85 20.79 -38.06
N PRO D 59 -34.98 21.95 -38.68
CA PRO D 59 -35.12 23.20 -37.90
C PRO D 59 -36.40 23.24 -37.09
N GLY D 60 -36.47 24.21 -36.20
CA GLY D 60 -37.65 24.49 -35.42
C GLY D 60 -37.86 25.98 -35.31
N PRO D 61 -38.85 26.40 -34.53
CA PRO D 61 -39.06 27.84 -34.34
C PRO D 61 -37.86 28.49 -33.66
N ALA D 62 -37.62 29.76 -34.01
CA ALA D 62 -36.47 30.52 -33.51
C ALA D 62 -35.14 29.90 -33.94
N ASN D 63 -35.13 29.18 -35.06
CA ASN D 63 -33.90 28.64 -35.62
C ASN D 63 -33.36 29.60 -36.66
N SER D 64 -32.12 30.03 -36.47
CA SER D 64 -31.43 30.84 -37.48
C SER D 64 -30.53 29.95 -38.33
N GLY D 65 -29.90 30.56 -39.32
CA GLY D 65 -28.98 29.83 -40.17
C GLY D 65 -27.65 29.53 -39.51
N ARG D 66 -27.40 30.12 -38.34
CA ARG D 66 -26.12 30.05 -37.66
C ARG D 66 -25.93 28.83 -36.77
N GLU D 67 -27.00 28.13 -36.40
CA GLU D 67 -26.89 27.00 -35.49
C GLU D 67 -26.58 25.72 -36.26
N THR D 68 -25.66 24.93 -35.71
CA THR D 68 -25.24 23.68 -36.33
C THR D 68 -25.22 22.60 -35.26
N ILE D 69 -26.01 21.54 -35.47
CA ILE D 69 -26.07 20.40 -34.57
C ILE D 69 -25.16 19.31 -35.12
N TYR D 70 -24.65 18.49 -34.22
CA TYR D 70 -23.70 17.44 -34.55
C TYR D 70 -24.11 16.13 -33.91
N PRO D 71 -23.61 15.00 -34.42
CA PRO D 71 -23.90 13.71 -33.78
C PRO D 71 -23.35 13.63 -32.37
N ASN D 72 -22.42 14.52 -32.01
CA ASN D 72 -21.91 14.62 -30.65
C ASN D 72 -22.87 15.36 -29.73
N ALA D 73 -24.07 15.65 -30.22
CA ALA D 73 -25.13 16.35 -29.49
C ALA D 73 -24.78 17.81 -29.30
N SER D 74 -23.55 18.19 -29.65
CA SER D 74 -23.09 19.55 -29.45
C SER D 74 -23.72 20.50 -30.46
N LEU D 75 -23.88 21.76 -30.05
CA LEU D 75 -24.48 22.79 -30.88
C LEU D 75 -23.48 23.93 -31.03
N LEU D 76 -23.29 24.39 -32.27
CA LEU D 76 -22.35 25.45 -32.59
C LEU D 76 -23.12 26.61 -33.20
N ILE D 77 -23.01 27.79 -32.60
CA ILE D 77 -23.66 29.00 -33.07
C ILE D 77 -22.59 29.96 -33.58
N GLN D 78 -22.68 30.34 -34.84
CA GLN D 78 -21.77 31.30 -35.46
C GLN D 78 -22.44 32.67 -35.53
N ASN D 79 -21.61 33.69 -35.80
CA ASN D 79 -22.05 35.10 -35.86
C ASN D 79 -23.12 35.39 -34.80
N VAL D 80 -22.75 35.14 -33.54
CA VAL D 80 -23.70 35.20 -32.44
C VAL D 80 -24.26 36.62 -32.32
N THR D 81 -25.54 36.72 -31.99
CA THR D 81 -26.22 38.00 -31.81
C THR D 81 -26.60 38.19 -30.35
N GLN D 82 -27.12 39.38 -30.05
CA GLN D 82 -27.53 39.70 -28.68
C GLN D 82 -28.69 38.82 -28.23
N ASN D 83 -29.63 38.53 -29.13
CA ASN D 83 -30.76 37.68 -28.77
C ASN D 83 -30.35 36.24 -28.52
N ASP D 84 -29.15 35.84 -28.92
CA ASP D 84 -28.67 34.49 -28.67
C ASP D 84 -28.24 34.27 -27.23
N THR D 85 -28.04 35.34 -26.47
CA THR D 85 -27.63 35.19 -25.08
C THR D 85 -28.77 34.59 -24.26
N GLY D 86 -28.39 33.89 -23.19
CA GLY D 86 -29.38 33.33 -22.30
C GLY D 86 -29.15 31.85 -22.10
N PHE D 87 -30.22 31.16 -21.75
CA PHE D 87 -30.20 29.73 -21.45
C PHE D 87 -30.53 28.90 -22.67
N TYR D 88 -30.05 27.66 -22.66
CA TYR D 88 -30.32 26.69 -23.71
C TYR D 88 -30.58 25.35 -23.06
N THR D 89 -31.62 24.65 -23.51
CA THR D 89 -32.00 23.36 -22.95
C THR D 89 -31.87 22.28 -24.02
N LEU D 90 -31.22 21.18 -23.65
CA LEU D 90 -31.06 20.02 -24.52
C LEU D 90 -31.81 18.84 -23.95
N GLN D 91 -32.65 18.21 -24.76
CA GLN D 91 -33.33 16.98 -24.38
C GLN D 91 -32.82 15.86 -25.26
N VAL D 92 -32.37 14.77 -24.64
CA VAL D 92 -31.87 13.60 -25.34
C VAL D 92 -32.91 12.50 -25.23
N ILE D 93 -33.44 12.07 -26.36
CA ILE D 93 -34.41 10.98 -26.42
C ILE D 93 -33.68 9.68 -26.67
N LYS D 94 -33.75 8.76 -25.71
CA LYS D 94 -33.05 7.49 -25.82
C LYS D 94 -33.88 6.47 -26.58
N SER D 95 -33.27 5.31 -26.83
CA SER D 95 -33.97 4.25 -27.55
C SER D 95 -35.11 3.64 -26.73
N ASP D 96 -35.04 3.78 -25.40
CA ASP D 96 -36.15 3.40 -24.53
C ASP D 96 -37.29 4.40 -24.54
N LEU D 97 -37.18 5.48 -25.31
CA LEU D 97 -38.10 6.62 -25.31
C LEU D 97 -38.10 7.36 -23.98
N VAL D 98 -37.16 7.05 -23.09
CA VAL D 98 -36.93 7.85 -21.90
C VAL D 98 -36.01 9.01 -22.27
N ASN D 99 -36.23 10.15 -21.64
CA ASN D 99 -35.57 11.39 -22.00
C ASN D 99 -34.65 11.87 -20.88
N GLU D 100 -33.52 12.45 -21.26
CA GLU D 100 -32.59 13.10 -20.35
C GLU D 100 -32.45 14.56 -20.73
N GLU D 101 -32.45 15.44 -19.73
CA GLU D 101 -32.47 16.87 -19.95
C GLU D 101 -31.21 17.51 -19.35
N ALA D 102 -30.70 18.54 -20.03
CA ALA D 102 -29.54 19.27 -19.57
C ALA D 102 -29.63 20.71 -20.06
N THR D 103 -29.31 21.65 -19.19
CA THR D 103 -29.41 23.07 -19.51
C THR D 103 -28.03 23.71 -19.44
N GLY D 104 -27.76 24.61 -20.40
CA GLY D 104 -26.55 25.38 -20.42
C GLY D 104 -26.86 26.84 -20.71
N GLN D 105 -25.82 27.66 -20.67
CA GLN D 105 -26.00 29.08 -20.91
C GLN D 105 -24.68 29.71 -21.35
N PHE D 106 -24.80 30.85 -22.02
CA PHE D 106 -23.66 31.70 -22.30
C PHE D 106 -24.15 33.13 -22.41
N HIS D 107 -23.23 34.08 -22.22
CA HIS D 107 -23.55 35.50 -22.20
C HIS D 107 -22.84 36.19 -23.36
N VAL D 108 -23.58 36.99 -24.11
CA VAL D 108 -23.05 37.68 -25.28
C VAL D 108 -22.74 39.12 -24.86
N TYR D 109 -21.49 39.53 -25.03
CA TYR D 109 -21.10 40.90 -24.72
C TYR D 109 -20.73 41.68 -25.98
N THR E 1 41.75 -18.69 0.88
CA THR E 1 40.87 -19.75 1.37
C THR E 1 39.70 -19.12 2.13
N ALA E 2 38.88 -19.96 2.77
CA ALA E 2 37.75 -19.54 3.57
C ALA E 2 37.98 -19.89 5.04
N PRO E 3 37.58 -19.03 5.97
CA PRO E 3 37.68 -19.38 7.39
C PRO E 3 36.76 -20.56 7.71
N THR E 4 37.14 -21.33 8.71
CA THR E 4 36.36 -22.48 9.14
C THR E 4 35.61 -22.13 10.43
N LEU E 5 34.29 -22.31 10.41
CA LEU E 5 33.43 -22.00 11.53
C LEU E 5 32.68 -23.25 11.95
N THR E 6 32.82 -23.64 13.22
CA THR E 6 32.16 -24.81 13.78
C THR E 6 31.50 -24.42 15.10
N VAL E 7 30.28 -24.90 15.32
CA VAL E 7 29.53 -24.58 16.52
C VAL E 7 28.97 -25.87 17.13
N THR E 8 29.18 -26.05 18.43
CA THR E 8 28.72 -27.18 19.21
C THR E 8 28.06 -26.70 20.49
N PRO E 9 26.90 -27.27 20.87
CA PRO E 9 26.05 -28.19 20.11
C PRO E 9 25.29 -27.49 19.00
N GLU E 10 25.21 -28.12 17.83
CA GLU E 10 24.47 -27.54 16.71
C GLU E 10 23.01 -27.30 17.07
N GLN E 11 22.42 -28.21 17.85
CA GLN E 11 21.05 -28.09 18.31
C GLN E 11 20.94 -28.61 19.73
N GLN E 12 20.12 -27.96 20.55
CA GLN E 12 19.90 -28.40 21.92
C GLN E 12 18.48 -28.08 22.34
N THR E 13 17.96 -28.88 23.27
CA THR E 13 16.65 -28.68 23.85
C THR E 13 16.80 -28.68 25.37
N VAL E 14 16.34 -27.59 26.01
CA VAL E 14 16.40 -27.46 27.46
C VAL E 14 15.01 -27.15 27.98
N LYS E 15 14.90 -27.14 29.31
CA LYS E 15 13.66 -26.75 29.99
C LYS E 15 13.78 -25.33 30.54
N VAL E 16 12.67 -24.83 31.05
CA VAL E 16 12.64 -23.49 31.63
C VAL E 16 13.46 -23.49 32.91
N ASP E 17 14.14 -22.36 33.17
CA ASP E 17 14.97 -22.14 34.35
C ASP E 17 16.24 -22.98 34.34
N GLU E 18 16.70 -23.37 33.16
CA GLU E 18 17.93 -24.14 32.99
C GLU E 18 18.89 -23.33 32.14
N ASP E 19 20.18 -23.60 32.31
CA ASP E 19 21.20 -22.85 31.57
C ASP E 19 21.44 -23.45 30.20
N ILE E 20 21.72 -22.58 29.23
CA ILE E 20 21.96 -22.96 27.85
C ILE E 20 23.40 -22.61 27.52
N THR E 21 24.18 -23.61 27.11
CA THR E 21 25.59 -23.40 26.79
C THR E 21 25.89 -23.93 25.39
N PHE E 22 26.65 -23.14 24.64
CA PHE E 22 27.16 -23.56 23.34
C PHE E 22 28.51 -22.90 23.10
N THR E 23 29.29 -23.48 22.20
CA THR E 23 30.66 -23.05 21.95
C THR E 23 30.83 -22.74 20.46
N VAL E 24 31.44 -21.59 20.16
CA VAL E 24 31.69 -21.15 18.80
C VAL E 24 33.20 -21.16 18.56
N THR E 25 33.62 -21.79 17.46
CA THR E 25 35.03 -21.89 17.09
C THR E 25 35.21 -21.40 15.67
N VAL E 26 36.21 -20.54 15.45
CA VAL E 26 36.57 -20.03 14.14
C VAL E 26 38.08 -20.05 14.00
N GLU E 27 38.57 -20.50 12.86
CA GLU E 27 40.01 -20.52 12.61
C GLU E 27 40.31 -20.31 11.13
N ASP E 28 41.50 -19.77 10.87
CA ASP E 28 41.99 -19.54 9.52
C ASP E 28 43.50 -19.35 9.60
N GLU E 29 44.13 -19.12 8.45
CA GLU E 29 45.57 -18.86 8.43
C GLU E 29 45.93 -17.42 8.78
N ASN E 30 44.94 -16.53 8.89
CA ASN E 30 45.20 -15.14 9.22
C ASN E 30 44.16 -14.67 10.23
N GLU E 31 44.33 -13.44 10.70
CA GLU E 31 43.45 -12.88 11.72
C GLU E 31 42.00 -12.93 11.26
N VAL E 32 41.15 -13.56 12.07
CA VAL E 32 39.73 -13.68 11.80
C VAL E 32 38.94 -12.80 12.75
N GLU E 33 37.83 -12.28 12.26
CA GLU E 33 36.89 -11.51 13.05
C GLU E 33 35.63 -12.34 13.26
N LEU E 34 35.33 -12.68 14.51
CA LEU E 34 34.14 -13.45 14.82
C LEU E 34 32.92 -12.53 14.79
N GLY E 35 31.95 -12.86 13.95
CA GLY E 35 30.75 -12.07 13.80
C GLY E 35 29.73 -12.31 14.90
N LEU E 36 29.62 -11.35 15.81
CA LEU E 36 28.72 -11.43 16.95
C LEU E 36 27.44 -10.63 16.76
N ASP E 37 27.20 -10.13 15.55
CA ASP E 37 26.09 -9.21 15.31
C ASP E 37 24.75 -9.82 15.73
N ASP E 38 24.49 -11.07 15.34
CA ASP E 38 23.21 -11.70 15.70
C ASP E 38 23.12 -11.95 17.20
N LEU E 39 24.20 -12.43 17.80
CA LEU E 39 24.21 -12.68 19.25
C LEU E 39 23.99 -11.38 20.02
N LYS E 40 24.69 -10.31 19.63
CA LYS E 40 24.50 -9.02 20.29
C LYS E 40 23.07 -8.52 20.16
N ALA E 41 22.48 -8.68 18.97
CA ALA E 41 21.14 -8.18 18.74
C ALA E 41 20.13 -8.89 19.63
N LYS E 42 20.29 -10.21 19.82
CA LYS E 42 19.32 -10.97 20.60
C LYS E 42 19.44 -10.71 22.09
N TYR E 43 20.65 -10.49 22.60
CA TYR E 43 20.88 -10.48 24.04
C TYR E 43 21.76 -9.31 24.47
N GLU E 44 21.46 -8.10 23.98
CA GLU E 44 22.29 -6.95 24.32
C GLU E 44 22.28 -6.68 25.83
N ASN E 45 21.11 -6.41 26.40
CA ASN E 45 21.03 -6.08 27.82
C ASN E 45 21.40 -7.27 28.69
N ASP E 46 21.16 -8.49 28.22
CA ASP E 46 21.52 -9.67 29.01
C ASP E 46 23.03 -9.85 29.07
N ILE E 47 23.74 -9.54 27.99
CA ILE E 47 25.20 -9.56 28.02
C ILE E 47 25.71 -8.48 28.96
N ILE E 48 25.13 -7.29 28.88
CA ILE E 48 25.57 -6.19 29.74
C ILE E 48 25.20 -6.45 31.20
N GLY E 49 24.07 -7.12 31.44
CA GLY E 49 23.59 -7.39 32.78
C GLY E 49 24.05 -8.70 33.39
N ALA E 50 25.06 -9.35 32.80
CA ALA E 50 25.65 -10.60 33.28
C ALA E 50 24.69 -11.78 33.22
N ARG E 51 23.53 -11.63 32.59
CA ARG E 51 22.63 -12.77 32.41
C ARG E 51 23.16 -13.73 31.35
N VAL E 52 23.82 -13.20 30.32
CA VAL E 52 24.51 -14.00 29.31
C VAL E 52 26.01 -13.83 29.53
N LYS E 53 26.71 -14.94 29.74
CA LYS E 53 28.13 -14.93 30.05
C LYS E 53 28.92 -15.34 28.82
N ILE E 54 29.89 -14.51 28.44
CA ILE E 54 30.74 -14.76 27.28
C ILE E 54 32.14 -15.06 27.78
N LYS E 55 32.64 -16.25 27.48
CA LYS E 55 33.94 -16.74 27.94
C LYS E 55 34.78 -17.16 26.76
N TYR E 56 35.89 -16.45 26.54
CA TYR E 56 36.80 -16.78 25.44
C TYR E 56 37.75 -17.87 25.92
N LEU E 57 37.50 -19.11 25.48
CA LEU E 57 38.43 -20.19 25.80
C LEU E 57 39.74 -20.05 25.05
N THR E 58 39.69 -19.51 23.83
CA THR E 58 40.88 -19.24 23.04
C THR E 58 40.68 -17.93 22.29
N LYS E 59 41.68 -17.04 22.36
CA LYS E 59 41.62 -15.75 21.68
C LYS E 59 42.93 -15.48 20.94
N GLU E 60 43.40 -16.48 20.21
CA GLU E 60 44.55 -16.28 19.33
C GLU E 60 44.14 -15.45 18.12
N PRO E 61 45.09 -14.79 17.47
CA PRO E 61 44.71 -13.93 16.32
C PRO E 61 44.03 -14.67 15.20
N ASN E 62 44.45 -15.91 14.90
CA ASN E 62 43.86 -16.67 13.81
C ASN E 62 42.96 -17.80 14.29
N LYS E 63 42.73 -17.93 15.60
CA LYS E 63 41.81 -18.93 16.12
C LYS E 63 41.16 -18.39 17.39
N LYS E 64 39.84 -18.36 17.41
CA LYS E 64 39.07 -17.86 18.55
C LYS E 64 37.97 -18.87 18.88
N VAL E 65 37.96 -19.33 20.13
CA VAL E 65 36.93 -20.24 20.64
C VAL E 65 36.18 -19.51 21.74
N MET E 66 34.86 -19.37 21.56
CA MET E 66 34.03 -18.61 22.47
C MET E 66 32.89 -19.49 22.99
N GLU E 67 32.71 -19.51 24.31
CA GLU E 67 31.66 -20.27 24.95
C GLU E 67 30.62 -19.31 25.50
N VAL E 68 29.37 -19.50 25.08
CA VAL E 68 28.26 -18.63 25.47
C VAL E 68 27.32 -19.40 26.38
N THR E 69 26.99 -18.81 27.53
CA THR E 69 26.09 -19.42 28.50
C THR E 69 24.91 -18.47 28.74
N ILE E 70 23.72 -18.89 28.35
CA ILE E 70 22.48 -18.16 28.62
C ILE E 70 21.86 -18.78 29.88
N MET E 71 21.82 -18.01 30.96
CA MET E 71 21.37 -18.52 32.25
C MET E 71 19.87 -18.30 32.42
N LYS E 72 19.26 -19.16 33.25
CA LYS E 72 17.82 -19.13 33.55
C LYS E 72 16.99 -19.01 32.28
N ALA E 73 16.84 -20.11 31.55
CA ALA E 73 16.16 -20.06 30.27
C ALA E 73 14.70 -19.69 30.43
N THR E 74 14.20 -18.88 29.52
CA THR E 74 12.79 -18.56 29.39
C THR E 74 12.31 -19.09 28.04
N LEU E 75 10.99 -19.16 27.88
CA LEU E 75 10.44 -19.60 26.61
C LEU E 75 10.80 -18.64 25.48
N ALA E 76 11.18 -17.40 25.81
CA ALA E 76 11.60 -16.45 24.79
C ALA E 76 12.98 -16.77 24.23
N ASP E 77 13.76 -17.59 24.93
CA ASP E 77 15.08 -17.99 24.45
C ASP E 77 14.99 -19.02 23.32
N LYS E 78 13.80 -19.55 23.05
CA LYS E 78 13.63 -20.46 21.91
C LYS E 78 13.88 -19.72 20.61
N GLY E 79 14.91 -20.14 19.89
CA GLY E 79 15.26 -19.48 18.65
C GLY E 79 16.55 -20.05 18.08
N ALA E 80 17.19 -19.24 17.24
CA ALA E 80 18.44 -19.62 16.59
C ALA E 80 19.37 -18.42 16.57
N ILE E 81 20.66 -18.68 16.74
CA ILE E 81 21.68 -17.63 16.74
C ILE E 81 22.68 -17.94 15.65
N THR E 82 22.85 -17.00 14.72
CA THR E 82 23.74 -17.16 13.58
C THR E 82 25.05 -16.43 13.84
N PHE E 83 26.15 -17.02 13.38
CA PHE E 83 27.47 -16.44 13.54
C PHE E 83 28.14 -16.33 12.18
N THR E 84 28.89 -15.25 11.98
CA THR E 84 29.63 -14.99 10.75
C THR E 84 31.12 -14.90 11.08
N ALA E 85 31.94 -14.94 10.03
CA ALA E 85 33.39 -14.91 10.21
C ALA E 85 34.05 -14.45 8.92
N LYS E 86 34.87 -13.41 9.01
CA LYS E 86 35.62 -12.91 7.87
C LYS E 86 37.08 -12.71 8.27
N ASP E 87 37.97 -12.88 7.29
CA ASP E 87 39.39 -12.67 7.52
C ASP E 87 39.76 -11.25 7.13
N LYS E 88 41.06 -10.94 7.20
CA LYS E 88 41.52 -9.59 6.88
C LYS E 88 41.21 -9.22 5.44
N ALA E 89 41.28 -10.20 4.53
CA ALA E 89 41.01 -9.95 3.12
C ALA E 89 39.52 -9.85 2.80
N GLY E 90 38.65 -9.93 3.81
CA GLY E 90 37.22 -9.85 3.59
C GLY E 90 36.54 -11.11 3.14
N ASN E 91 37.27 -12.21 2.97
CA ASN E 91 36.68 -13.48 2.56
C ASN E 91 35.80 -14.02 3.69
N GLN E 92 34.49 -14.08 3.43
CA GLN E 92 33.54 -14.56 4.43
C GLN E 92 33.46 -16.08 4.43
N ALA E 93 33.23 -16.63 5.62
CA ALA E 93 33.02 -18.05 5.82
C ALA E 93 31.53 -18.37 5.83
N GLU E 94 31.23 -19.66 5.65
CA GLU E 94 29.83 -20.09 5.64
C GLU E 94 29.23 -19.93 7.02
N PRO E 95 28.20 -19.10 7.19
CA PRO E 95 27.63 -18.88 8.52
C PRO E 95 27.07 -20.17 9.10
N LYS E 96 27.29 -20.35 10.41
CA LYS E 96 26.79 -21.50 11.13
C LYS E 96 25.84 -21.02 12.22
N THR E 97 24.79 -21.79 12.48
CA THR E 97 23.75 -21.39 13.41
C THR E 97 23.56 -22.44 14.49
N VAL E 98 23.20 -21.97 15.68
CA VAL E 98 22.85 -22.83 16.81
C VAL E 98 21.33 -22.74 16.98
N THR E 99 20.69 -23.89 17.17
CA THR E 99 19.25 -23.95 17.42
C THR E 99 19.03 -24.26 18.89
N ILE E 100 18.15 -23.48 19.54
CA ILE E 100 17.84 -23.68 20.95
C ILE E 100 16.33 -23.77 21.07
N ASN E 101 15.85 -24.77 21.83
CA ASN E 101 14.44 -24.95 22.09
C ASN E 101 14.24 -25.10 23.59
N VAL E 102 13.27 -24.35 24.14
CA VAL E 102 12.97 -24.39 25.56
C VAL E 102 11.58 -24.98 25.74
N LEU E 103 11.44 -25.83 26.75
CA LEU E 103 10.17 -26.50 26.96
C LEU E 103 9.54 -26.05 28.27
N PRO E 104 8.23 -25.82 28.30
CA PRO E 104 7.58 -25.39 29.53
C PRO E 104 7.64 -26.47 30.60
N LEU E 105 7.71 -26.02 31.86
CA LEU E 105 7.75 -26.93 32.98
C LEU E 105 6.40 -27.60 33.18
N LYS E 106 6.42 -28.84 33.64
CA LYS E 106 5.18 -29.59 33.88
C LYS E 106 4.46 -29.07 35.12
N THR F 1 36.10 0.86 -9.23
CA THR F 1 35.63 1.45 -7.98
C THR F 1 35.07 0.38 -7.05
N ALA F 2 34.41 0.80 -5.98
CA ALA F 2 33.84 -0.14 -5.03
C ALA F 2 32.31 -0.15 -5.12
N PRO F 3 31.69 -1.32 -5.00
CA PRO F 3 30.23 -1.38 -5.04
C PRO F 3 29.62 -0.61 -3.88
N THR F 4 28.40 -0.14 -4.09
CA THR F 4 27.65 0.59 -3.07
C THR F 4 26.62 -0.35 -2.47
N LEU F 5 26.67 -0.51 -1.14
CA LEU F 5 25.73 -1.38 -0.45
C LEU F 5 25.00 -0.56 0.60
N THR F 6 23.68 -0.49 0.47
CA THR F 6 22.83 0.24 1.40
C THR F 6 21.65 -0.64 1.78
N VAL F 7 21.27 -0.60 3.06
CA VAL F 7 20.15 -1.39 3.54
C VAL F 7 19.22 -0.50 4.34
N THR F 8 17.93 -0.55 4.04
CA THR F 8 16.91 0.26 4.69
C THR F 8 15.72 -0.60 5.09
N PRO F 9 15.20 -0.44 6.31
CA PRO F 9 15.75 0.36 7.42
C PRO F 9 16.95 -0.34 8.06
N GLU F 10 17.99 0.42 8.39
CA GLU F 10 19.17 -0.15 9.04
C GLU F 10 18.80 -0.81 10.36
N GLN F 11 17.84 -0.23 11.08
CA GLN F 11 17.37 -0.78 12.34
C GLN F 11 15.87 -0.56 12.43
N GLN F 12 15.16 -1.55 12.98
CA GLN F 12 13.71 -1.44 13.13
C GLN F 12 13.27 -2.21 14.36
N THR F 13 12.16 -1.78 14.95
CA THR F 13 11.56 -2.42 16.12
C THR F 13 10.10 -2.70 15.80
N VAL F 14 9.69 -3.96 15.92
CA VAL F 14 8.31 -4.37 15.68
C VAL F 14 7.80 -5.10 16.90
N LYS F 15 6.50 -5.40 16.88
CA LYS F 15 5.85 -6.20 17.91
C LYS F 15 5.63 -7.62 17.40
N VAL F 16 5.16 -8.48 18.30
CA VAL F 16 4.89 -9.86 17.93
C VAL F 16 3.68 -9.90 16.99
N ASP F 17 3.71 -10.82 16.04
CA ASP F 17 2.65 -11.04 15.06
C ASP F 17 2.58 -9.93 14.01
N GLU F 18 3.68 -9.22 13.79
CA GLU F 18 3.74 -8.16 12.80
C GLU F 18 4.81 -8.49 11.77
N ASP F 19 4.67 -7.93 10.58
CA ASP F 19 5.60 -8.21 9.50
C ASP F 19 6.81 -7.28 9.56
N ILE F 20 7.97 -7.83 9.20
CA ILE F 20 9.25 -7.12 9.21
C ILE F 20 9.73 -7.03 7.78
N THR F 21 9.96 -5.80 7.30
CA THR F 21 10.41 -5.57 5.94
C THR F 21 11.67 -4.73 5.92
N PHE F 22 12.62 -5.11 5.07
CA PHE F 22 13.80 -4.30 4.80
C PHE F 22 14.22 -4.54 3.35
N THR F 23 14.97 -3.59 2.81
CA THR F 23 15.36 -3.61 1.41
C THR F 23 16.88 -3.47 1.31
N VAL F 24 17.50 -4.31 0.48
CA VAL F 24 18.93 -4.30 0.24
C VAL F 24 19.18 -3.88 -1.19
N THR F 25 20.05 -2.91 -1.39
CA THR F 25 20.38 -2.39 -2.71
C THR F 25 21.88 -2.43 -2.91
N VAL F 26 22.30 -2.98 -4.04
CA VAL F 26 23.71 -3.04 -4.42
C VAL F 26 23.84 -2.68 -5.89
N GLU F 27 24.80 -1.82 -6.21
CA GLU F 27 25.05 -1.44 -7.59
C GLU F 27 26.53 -1.12 -7.77
N ASP F 28 27.02 -1.29 -9.00
CA ASP F 28 28.39 -0.99 -9.35
C ASP F 28 28.47 -0.84 -10.87
N GLU F 29 29.68 -0.60 -11.37
CA GLU F 29 29.92 -0.49 -12.80
C GLU F 29 29.99 -1.83 -13.49
N ASN F 30 30.02 -2.93 -12.74
CA ASN F 30 30.11 -4.27 -13.30
C ASN F 30 29.18 -5.19 -12.52
N GLU F 31 29.07 -6.43 -12.98
CA GLU F 31 28.21 -7.42 -12.34
C GLU F 31 28.56 -7.57 -10.86
N VAL F 32 27.56 -7.40 -10.01
CA VAL F 32 27.72 -7.53 -8.56
C VAL F 32 27.07 -8.82 -8.08
N GLU F 33 27.68 -9.41 -7.06
CA GLU F 33 27.14 -10.59 -6.38
C GLU F 33 26.66 -10.18 -5.00
N LEU F 34 25.35 -10.30 -4.77
CA LEU F 34 24.78 -10.00 -3.46
C LEU F 34 25.00 -11.19 -2.53
N GLY F 35 25.66 -10.94 -1.40
CA GLY F 35 25.95 -11.98 -0.44
C GLY F 35 24.74 -12.36 0.40
N LEU F 36 24.14 -13.50 0.10
CA LEU F 36 22.94 -13.97 0.77
C LEU F 36 23.23 -15.05 1.81
N ASP F 37 24.51 -15.33 2.09
CA ASP F 37 24.87 -16.45 2.95
C ASP F 37 24.27 -16.31 4.34
N ASP F 38 24.37 -15.11 4.93
CA ASP F 38 23.84 -14.90 6.26
C ASP F 38 22.31 -14.93 6.26
N LEU F 39 21.69 -14.29 5.27
CA LEU F 39 20.24 -14.32 5.15
C LEU F 39 19.72 -15.76 4.98
N LYS F 40 20.37 -16.53 4.11
CA LYS F 40 19.98 -17.92 3.91
C LYS F 40 20.12 -18.71 5.21
N ALA F 41 21.22 -18.49 5.95
CA ALA F 41 21.47 -19.26 7.16
C ALA F 41 20.40 -19.00 8.22
N LYS F 42 19.97 -17.74 8.37
CA LYS F 42 19.03 -17.43 9.44
C LYS F 42 17.61 -17.92 9.13
N TYR F 43 17.22 -17.91 7.86
CA TYR F 43 15.84 -18.18 7.47
C TYR F 43 15.77 -19.18 6.32
N GLU F 44 16.53 -20.27 6.41
CA GLU F 44 16.52 -21.26 5.34
C GLU F 44 15.13 -21.86 5.17
N ASN F 45 14.63 -22.51 6.23
CA ASN F 45 13.31 -23.15 6.15
C ASN F 45 12.20 -22.13 6.01
N ASP F 46 12.40 -20.92 6.55
CA ASP F 46 11.37 -19.88 6.44
C ASP F 46 11.25 -19.36 5.01
N ILE F 47 12.38 -19.24 4.30
CA ILE F 47 12.33 -18.88 2.89
C ILE F 47 11.65 -19.99 2.08
N ILE F 48 12.02 -21.25 2.35
CA ILE F 48 11.47 -22.36 1.60
C ILE F 48 9.98 -22.53 1.89
N GLY F 49 9.55 -22.23 3.11
CA GLY F 49 8.18 -22.40 3.51
C GLY F 49 7.27 -21.21 3.30
N ALA F 50 7.71 -20.22 2.52
CA ALA F 50 6.96 -19.02 2.17
C ALA F 50 6.69 -18.12 3.37
N ARG F 51 7.29 -18.41 4.52
CA ARG F 51 7.15 -17.52 5.68
C ARG F 51 8.00 -16.27 5.50
N VAL F 52 9.16 -16.38 4.86
CA VAL F 52 9.99 -15.24 4.49
C VAL F 52 9.89 -15.10 2.98
N LYS F 53 9.47 -13.92 2.52
CA LYS F 53 9.25 -13.66 1.11
C LYS F 53 10.38 -12.80 0.57
N ILE F 54 11.00 -13.26 -0.51
CA ILE F 54 12.12 -12.56 -1.15
C ILE F 54 11.63 -12.04 -2.49
N LYS F 55 11.65 -10.72 -2.67
CA LYS F 55 11.15 -10.06 -3.87
C LYS F 55 12.25 -9.20 -4.46
N TYR F 56 12.70 -9.55 -5.66
CA TYR F 56 13.72 -8.77 -6.36
C TYR F 56 13.02 -7.63 -7.09
N LEU F 57 13.12 -6.41 -6.55
CA LEU F 57 12.57 -5.26 -7.26
C LEU F 57 13.40 -4.93 -8.49
N THR F 58 14.71 -5.20 -8.44
CA THR F 58 15.59 -5.01 -9.59
C THR F 58 16.59 -6.16 -9.61
N LYS F 59 16.77 -6.77 -10.79
CA LYS F 59 17.70 -7.88 -10.99
C LYS F 59 18.54 -7.64 -12.23
N GLU F 60 19.04 -6.41 -12.37
CA GLU F 60 20.01 -6.12 -13.41
C GLU F 60 21.37 -6.69 -13.02
N PRO F 61 22.23 -6.96 -14.02
CA PRO F 61 23.54 -7.54 -13.68
C PRO F 61 24.38 -6.68 -12.77
N ASN F 62 24.33 -5.35 -12.94
CA ASN F 62 25.12 -4.43 -12.15
C ASN F 62 24.31 -3.67 -11.11
N LYS F 63 23.01 -3.96 -10.99
CA LYS F 63 22.17 -3.32 -9.99
C LYS F 63 21.14 -4.33 -9.50
N LYS F 64 21.10 -4.57 -8.19
CA LYS F 64 20.17 -5.53 -7.60
C LYS F 64 19.50 -4.90 -6.39
N VAL F 65 18.16 -4.86 -6.42
CA VAL F 65 17.36 -4.37 -5.31
C VAL F 65 16.49 -5.53 -4.82
N MET F 66 16.65 -5.90 -3.54
CA MET F 66 15.97 -7.05 -2.97
C MET F 66 15.19 -6.63 -1.73
N GLU F 67 13.91 -7.01 -1.68
CA GLU F 67 13.04 -6.71 -0.55
C GLU F 67 12.74 -7.99 0.20
N VAL F 68 13.03 -8.00 1.50
CA VAL F 68 12.83 -9.17 2.35
C VAL F 68 11.71 -8.87 3.33
N THR F 69 10.72 -9.76 3.39
CA THR F 69 9.58 -9.62 4.30
C THR F 69 9.48 -10.85 5.18
N ILE F 70 9.68 -10.66 6.49
CA ILE F 70 9.50 -11.70 7.48
C ILE F 70 8.10 -11.53 8.06
N MET F 71 7.21 -12.50 7.81
CA MET F 71 5.82 -12.36 8.22
C MET F 71 5.59 -12.94 9.62
N LYS F 72 4.59 -12.38 10.32
CA LYS F 72 4.20 -12.78 11.66
C LYS F 72 5.42 -12.93 12.58
N ALA F 73 5.93 -11.81 13.06
CA ALA F 73 7.16 -11.82 13.83
C ALA F 73 7.00 -12.58 15.14
N THR F 74 8.03 -13.32 15.51
CA THR F 74 8.18 -13.94 16.82
C THR F 74 9.39 -13.31 17.51
N LEU F 75 9.50 -13.55 18.81
CA LEU F 75 10.64 -13.02 19.54
C LEU F 75 11.96 -13.60 19.04
N ALA F 76 11.93 -14.74 18.35
CA ALA F 76 13.15 -15.30 17.78
C ALA F 76 13.62 -14.56 16.54
N ASP F 77 12.75 -13.75 15.92
CA ASP F 77 13.13 -12.96 14.77
C ASP F 77 13.98 -11.75 15.15
N LYS F 78 14.08 -11.45 16.45
CA LYS F 78 14.96 -10.41 16.95
C LYS F 78 16.41 -10.83 16.70
N GLY F 79 17.12 -10.11 15.86
CA GLY F 79 18.48 -10.51 15.53
C GLY F 79 19.09 -9.60 14.48
N ALA F 80 20.12 -10.11 13.81
CA ALA F 80 20.84 -9.33 12.80
C ALA F 80 21.20 -10.18 11.59
N ILE F 81 21.10 -9.57 10.41
CA ILE F 81 21.42 -10.21 9.13
C ILE F 81 22.46 -9.36 8.41
N THR F 82 23.58 -9.97 8.04
CA THR F 82 24.68 -9.28 7.36
C THR F 82 24.63 -9.55 5.86
N PHE F 83 24.95 -8.53 5.06
CA PHE F 83 24.99 -8.64 3.61
C PHE F 83 26.34 -8.16 3.09
N THR F 84 26.86 -8.83 2.06
CA THR F 84 28.12 -8.49 1.43
C THR F 84 27.89 -8.18 -0.05
N ALA F 85 28.90 -7.58 -0.68
CA ALA F 85 28.79 -7.23 -2.10
C ALA F 85 30.18 -7.01 -2.68
N LYS F 86 30.51 -7.77 -3.74
CA LYS F 86 31.76 -7.61 -4.48
C LYS F 86 31.46 -7.65 -5.96
N ASP F 87 32.30 -6.98 -6.75
CA ASP F 87 32.16 -7.01 -8.19
C ASP F 87 33.02 -8.14 -8.77
N LYS F 88 33.02 -8.27 -10.10
CA LYS F 88 33.80 -9.33 -10.73
C LYS F 88 35.28 -9.19 -10.47
N ALA F 89 35.79 -7.96 -10.36
CA ALA F 89 37.21 -7.73 -10.12
C ALA F 89 37.59 -7.98 -8.67
N GLY F 90 36.65 -8.43 -7.83
CA GLY F 90 36.93 -8.72 -6.44
C GLY F 90 36.93 -7.53 -5.51
N ASN F 91 36.67 -6.32 -6.00
CA ASN F 91 36.60 -5.15 -5.14
C ASN F 91 35.38 -5.27 -4.23
N GLN F 92 35.63 -5.45 -2.94
CA GLN F 92 34.57 -5.66 -1.95
C GLN F 92 34.01 -4.34 -1.47
N ALA F 93 32.71 -4.35 -1.15
CA ALA F 93 32.06 -3.21 -0.53
C ALA F 93 32.00 -3.41 0.98
N GLU F 94 31.84 -2.32 1.71
CA GLU F 94 31.78 -2.39 3.16
C GLU F 94 30.49 -3.07 3.59
N PRO F 95 30.55 -4.22 4.25
CA PRO F 95 29.31 -4.93 4.63
C PRO F 95 28.44 -4.12 5.57
N LYS F 96 27.12 -4.22 5.34
CA LYS F 96 26.10 -3.60 6.18
C LYS F 96 25.19 -4.68 6.76
N THR F 97 24.72 -4.44 7.99
CA THR F 97 23.90 -5.38 8.72
C THR F 97 22.56 -4.73 9.09
N VAL F 98 21.51 -5.56 9.17
CA VAL F 98 20.19 -5.13 9.58
C VAL F 98 19.94 -5.59 11.01
N THR F 99 19.46 -4.68 11.84
CA THR F 99 19.10 -5.00 13.22
C THR F 99 17.58 -5.04 13.32
N ILE F 100 17.06 -6.10 13.92
CA ILE F 100 15.62 -6.26 14.12
C ILE F 100 15.38 -6.53 15.60
N ASN F 101 14.40 -5.85 16.17
CA ASN F 101 14.01 -6.05 17.56
C ASN F 101 12.52 -6.32 17.59
N VAL F 102 12.11 -7.35 18.31
CA VAL F 102 10.71 -7.71 18.44
C VAL F 102 10.30 -7.51 19.89
N LEU F 103 9.12 -6.93 20.09
CA LEU F 103 8.62 -6.59 21.41
C LEU F 103 7.40 -7.42 21.75
N PRO F 104 7.27 -7.84 23.02
CA PRO F 104 6.09 -8.62 23.42
C PRO F 104 4.82 -7.78 23.27
N LEU F 105 3.72 -8.48 23.00
CA LEU F 105 2.44 -7.79 22.79
C LEU F 105 1.88 -7.21 24.08
N LYS F 106 2.37 -7.66 25.24
CA LYS F 106 1.92 -7.16 26.54
C LYS F 106 0.41 -7.27 26.71
N THR G 1 -16.31 -2.43 23.59
CA THR G 1 -15.03 -2.79 23.01
C THR G 1 -14.21 -1.56 22.66
N ALA G 2 -12.88 -1.71 22.66
CA ALA G 2 -11.97 -0.63 22.33
C ALA G 2 -11.30 -0.90 20.99
N PRO G 3 -11.10 0.13 20.17
CA PRO G 3 -10.42 -0.08 18.89
C PRO G 3 -8.98 -0.54 19.11
N THR G 4 -8.47 -1.30 18.14
CA THR G 4 -7.10 -1.80 18.17
C THR G 4 -6.27 -0.95 17.22
N LEU G 5 -5.19 -0.37 17.73
CA LEU G 5 -4.31 0.49 16.95
C LEU G 5 -2.92 -0.11 16.95
N THR G 6 -2.40 -0.36 15.75
CA THR G 6 -1.09 -0.98 15.57
C THR G 6 -0.28 -0.18 14.56
N VAL G 7 1.00 0.03 14.86
CA VAL G 7 1.92 0.75 13.99
C VAL G 7 3.18 -0.09 13.82
N THR G 8 3.57 -0.33 12.57
CA THR G 8 4.77 -1.09 12.27
C THR G 8 5.57 -0.35 11.20
N PRO G 9 6.89 -0.20 11.38
CA PRO G 9 7.68 -0.48 12.59
C PRO G 9 7.46 0.56 13.67
N GLU G 10 7.35 0.14 14.94
CA GLU G 10 7.19 1.11 16.03
C GLU G 10 8.36 2.09 16.06
N GLN G 11 9.56 1.62 15.75
CA GLN G 11 10.76 2.45 15.69
C GLN G 11 11.60 1.98 14.52
N GLN G 12 12.21 2.93 13.82
CA GLN G 12 13.06 2.59 12.68
C GLN G 12 14.19 3.60 12.56
N THR G 13 15.30 3.15 11.98
CA THR G 13 16.46 4.00 11.72
C THR G 13 16.81 3.89 10.25
N VAL G 14 16.84 5.03 9.55
CA VAL G 14 17.20 5.09 8.15
C VAL G 14 18.34 6.08 7.98
N LYS G 15 18.87 6.13 6.77
CA LYS G 15 19.90 7.09 6.42
C LYS G 15 19.30 8.22 5.59
N VAL G 16 20.10 9.25 5.34
CA VAL G 16 19.64 10.38 4.55
C VAL G 16 19.45 9.94 3.10
N ASP G 17 18.43 10.51 2.44
CA ASP G 17 18.09 10.25 1.05
C ASP G 17 17.52 8.85 0.85
N GLU G 18 16.93 8.29 1.89
CA GLU G 18 16.29 6.97 1.83
C GLU G 18 14.82 7.13 2.17
N ASP G 19 14.00 6.20 1.68
CA ASP G 19 12.56 6.29 1.89
C ASP G 19 12.20 5.67 3.24
N ILE G 20 11.21 6.27 3.90
CA ILE G 20 10.73 5.84 5.20
C ILE G 20 9.29 5.38 5.05
N THR G 21 9.03 4.12 5.41
CA THR G 21 7.69 3.56 5.28
C THR G 21 7.25 2.98 6.62
N PHE G 22 5.99 3.25 6.98
CA PHE G 22 5.36 2.64 8.13
C PHE G 22 3.88 2.47 7.84
N THR G 23 3.25 1.54 8.56
CA THR G 23 1.86 1.19 8.32
C THR G 23 1.08 1.31 9.62
N VAL G 24 -0.08 1.96 9.55
CA VAL G 24 -0.98 2.14 10.69
C VAL G 24 -2.24 1.33 10.43
N THR G 25 -2.62 0.51 11.40
CA THR G 25 -3.79 -0.35 11.28
C THR G 25 -4.71 -0.11 12.47
N VAL G 26 -6.00 0.10 12.18
CA VAL G 26 -7.01 0.27 13.20
C VAL G 26 -8.23 -0.54 12.81
N GLU G 27 -8.79 -1.26 13.77
CA GLU G 27 -10.01 -2.03 13.53
C GLU G 27 -10.82 -2.12 14.80
N ASP G 28 -12.13 -2.31 14.64
CA ASP G 28 -13.06 -2.48 15.74
C ASP G 28 -14.32 -3.13 15.18
N GLU G 29 -15.29 -3.35 16.06
CA GLU G 29 -16.56 -3.94 15.62
C GLU G 29 -17.48 -2.94 14.96
N ASN G 30 -17.15 -1.65 14.99
CA ASN G 30 -17.95 -0.60 14.39
C ASN G 30 -17.02 0.37 13.68
N GLU G 31 -17.61 1.37 13.01
CA GLU G 31 -16.85 2.35 12.25
C GLU G 31 -15.79 3.02 13.12
N VAL G 32 -14.54 2.96 12.66
CA VAL G 32 -13.42 3.59 13.36
C VAL G 32 -12.97 4.80 12.57
N GLU G 33 -12.50 5.81 13.30
CA GLU G 33 -11.91 7.02 12.72
C GLU G 33 -10.42 7.00 13.01
N LEU G 34 -9.61 6.92 11.96
CA LEU G 34 -8.16 6.96 12.11
C LEU G 34 -7.72 8.41 12.32
N GLY G 35 -7.07 8.67 13.44
CA GLY G 35 -6.63 10.01 13.76
C GLY G 35 -5.39 10.42 12.99
N LEU G 36 -5.57 11.26 11.98
CA LEU G 36 -4.48 11.71 11.12
C LEU G 36 -4.02 13.12 11.45
N ASP G 37 -4.54 13.70 12.54
CA ASP G 37 -4.28 15.10 12.84
C ASP G 37 -2.79 15.37 13.00
N ASP G 38 -2.09 14.52 13.76
CA ASP G 38 -0.66 14.74 13.97
C ASP G 38 0.12 14.53 12.67
N LEU G 39 -0.23 13.49 11.90
CA LEU G 39 0.41 13.26 10.61
C LEU G 39 0.20 14.46 9.67
N LYS G 40 -1.03 14.97 9.62
CA LYS G 40 -1.32 16.13 8.77
C LYS G 40 -0.49 17.34 9.19
N ALA G 41 -0.41 17.60 10.49
CA ALA G 41 0.29 18.79 10.97
C ALA G 41 1.78 18.74 10.66
N LYS G 42 2.42 17.57 10.81
CA LYS G 42 3.86 17.50 10.64
C LYS G 42 4.27 17.58 9.17
N TYR G 43 3.44 17.06 8.27
CA TYR G 43 3.80 16.90 6.86
C TYR G 43 2.69 17.41 5.96
N GLU G 44 2.14 18.59 6.25
CA GLU G 44 1.05 19.13 5.46
C GLU G 44 1.48 19.35 4.01
N ASN G 45 2.49 20.20 3.80
CA ASN G 45 2.93 20.51 2.44
C ASN G 45 3.55 19.30 1.76
N ASP G 46 4.14 18.39 2.54
CA ASP G 46 4.74 17.20 1.94
C ASP G 46 3.68 16.24 1.42
N ILE G 47 2.56 16.12 2.14
CA ILE G 47 1.44 15.32 1.63
C ILE G 47 0.85 15.96 0.38
N ILE G 48 0.66 17.27 0.39
CA ILE G 48 0.05 17.95 -0.75
C ILE G 48 0.97 17.92 -1.96
N GLY G 49 2.28 17.98 -1.75
CA GLY G 49 3.24 18.00 -2.82
C GLY G 49 3.76 16.65 -3.28
N ALA G 50 3.09 15.56 -2.89
CA ALA G 50 3.42 14.20 -3.25
C ALA G 50 4.76 13.73 -2.69
N ARG G 51 5.39 14.50 -1.81
CA ARG G 51 6.61 14.04 -1.17
C ARG G 51 6.32 12.96 -0.13
N VAL G 52 5.18 13.04 0.54
CA VAL G 52 4.69 11.99 1.43
C VAL G 52 3.50 11.33 0.76
N LYS G 53 3.58 10.02 0.55
CA LYS G 53 2.56 9.26 -0.15
C LYS G 53 1.74 8.46 0.85
N ILE G 54 0.42 8.62 0.78
CA ILE G 54 -0.52 7.94 1.67
C ILE G 54 -1.29 6.92 0.83
N LYS G 55 -1.14 5.65 1.18
CA LYS G 55 -1.75 4.57 0.41
C LYS G 55 -2.58 3.71 1.35
N TYR G 56 -3.89 3.68 1.13
CA TYR G 56 -4.82 2.89 1.94
C TYR G 56 -4.84 1.45 1.42
N LEU G 57 -4.18 0.54 2.15
CA LEU G 57 -4.24 -0.86 1.78
C LEU G 57 -5.62 -1.46 2.06
N THR G 58 -6.32 -0.97 3.08
CA THR G 58 -7.69 -1.38 3.39
C THR G 58 -8.46 -0.16 3.84
N LYS G 59 -9.67 0.01 3.29
CA LYS G 59 -10.53 1.14 3.63
C LYS G 59 -11.94 0.66 3.91
N GLU G 60 -12.07 -0.42 4.67
CA GLU G 60 -13.38 -0.87 5.14
C GLU G 60 -13.87 0.03 6.27
N PRO G 61 -15.19 0.08 6.50
CA PRO G 61 -15.70 0.97 7.54
C PRO G 61 -15.18 0.66 8.94
N ASN G 62 -14.99 -0.61 9.27
CA ASN G 62 -14.53 -1.01 10.59
C ASN G 62 -13.08 -1.49 10.60
N LYS G 63 -12.38 -1.41 9.48
CA LYS G 63 -10.98 -1.81 9.42
C LYS G 63 -10.27 -0.91 8.41
N LYS G 64 -9.22 -0.22 8.84
CA LYS G 64 -8.48 0.69 7.98
C LYS G 64 -6.99 0.42 8.14
N VAL G 65 -6.33 0.13 7.02
CA VAL G 65 -4.89 -0.09 6.95
C VAL G 65 -4.30 0.99 6.06
N MET G 66 -3.40 1.79 6.60
CA MET G 66 -2.82 2.94 5.89
C MET G 66 -1.31 2.82 5.87
N GLU G 67 -0.73 2.95 4.68
CA GLU G 67 0.72 2.89 4.48
C GLU G 67 1.23 4.28 4.13
N VAL G 68 2.18 4.78 4.91
CA VAL G 68 2.74 6.12 4.73
C VAL G 68 4.19 5.97 4.31
N THR G 69 4.56 6.66 3.22
CA THR G 69 5.94 6.64 2.72
C THR G 69 6.45 8.06 2.62
N ILE G 70 7.47 8.38 3.42
CA ILE G 70 8.18 9.65 3.37
C ILE G 70 9.41 9.45 2.50
N MET G 71 9.44 10.10 1.34
CA MET G 71 10.52 9.89 0.38
C MET G 71 11.66 10.87 0.62
N LYS G 72 12.86 10.48 0.19
CA LYS G 72 14.08 11.26 0.33
C LYS G 72 14.22 11.83 1.73
N ALA G 73 14.65 10.98 2.68
CA ALA G 73 14.71 11.39 4.07
C ALA G 73 15.73 12.50 4.27
N THR G 74 15.37 13.45 5.13
CA THR G 74 16.28 14.49 5.60
C THR G 74 16.47 14.33 7.10
N LEU G 75 17.50 14.99 7.63
CA LEU G 75 17.75 14.94 9.06
C LEU G 75 16.62 15.56 9.86
N ALA G 76 15.78 16.38 9.24
CA ALA G 76 14.63 16.97 9.91
C ALA G 76 13.49 15.96 10.07
N ASP G 77 13.53 14.85 9.34
CA ASP G 77 12.50 13.83 9.48
C ASP G 77 12.65 13.01 10.75
N LYS G 78 13.75 13.17 11.49
CA LYS G 78 13.94 12.49 12.77
C LYS G 78 12.92 13.03 13.77
N GLY G 79 12.01 12.16 14.21
CA GLY G 79 10.97 12.59 15.13
C GLY G 79 9.98 11.47 15.37
N ALA G 80 8.79 11.84 15.80
CA ALA G 80 7.74 10.88 16.12
C ALA G 80 6.40 11.42 15.64
N ILE G 81 5.54 10.52 15.16
CA ILE G 81 4.20 10.85 14.71
C ILE G 81 3.22 10.01 15.51
N THR G 82 2.27 10.68 16.16
CA THR G 82 1.31 10.02 17.04
C THR G 82 0.00 9.81 16.29
N PHE G 83 -0.62 8.65 16.54
CA PHE G 83 -1.90 8.31 15.91
C PHE G 83 -2.91 7.97 16.99
N THR G 84 -4.15 8.37 16.76
CA THR G 84 -5.27 8.11 17.66
C THR G 84 -6.33 7.32 16.91
N ALA G 85 -7.28 6.77 17.67
CA ALA G 85 -8.36 5.97 17.08
C ALA G 85 -9.53 5.92 18.06
N LYS G 86 -10.71 6.33 17.59
CA LYS G 86 -11.92 6.28 18.38
C LYS G 86 -13.03 5.66 17.54
N ASP G 87 -13.94 4.94 18.21
CA ASP G 87 -15.05 4.30 17.54
C ASP G 87 -16.30 5.18 17.57
N LYS G 88 -17.40 4.61 17.07
CA LYS G 88 -18.65 5.36 16.99
C LYS G 88 -19.13 5.79 18.38
N ALA G 89 -18.92 4.95 19.38
CA ALA G 89 -19.33 5.27 20.75
C ALA G 89 -18.37 6.22 21.46
N GLY G 90 -17.33 6.70 20.79
CA GLY G 90 -16.38 7.60 21.41
C GLY G 90 -15.31 6.92 22.25
N ASN G 91 -15.31 5.59 22.33
CA ASN G 91 -14.31 4.88 23.11
C ASN G 91 -12.93 5.05 22.46
N GLN G 92 -12.04 5.73 23.18
CA GLN G 92 -10.71 6.03 22.66
C GLN G 92 -9.79 4.84 22.83
N ALA G 93 -8.90 4.64 21.86
CA ALA G 93 -7.88 3.60 21.91
C ALA G 93 -6.56 4.18 22.40
N GLU G 94 -5.68 3.30 22.82
CA GLU G 94 -4.38 3.72 23.32
C GLU G 94 -3.57 4.33 22.18
N PRO G 95 -3.19 5.61 22.27
CA PRO G 95 -2.45 6.24 21.17
C PRO G 95 -1.11 5.54 20.95
N LYS G 96 -0.78 5.33 19.67
CA LYS G 96 0.47 4.71 19.28
C LYS G 96 1.28 5.68 18.43
N THR G 97 2.59 5.66 18.60
CA THR G 97 3.49 6.55 17.91
C THR G 97 4.53 5.75 17.14
N VAL G 98 4.95 6.29 16.00
CA VAL G 98 6.05 5.73 15.23
C VAL G 98 7.26 6.64 15.44
N THR G 99 8.40 6.05 15.75
CA THR G 99 9.64 6.79 15.95
C THR G 99 10.56 6.58 14.76
N ILE G 100 11.11 7.67 14.24
CA ILE G 100 12.01 7.63 13.09
C ILE G 100 13.30 8.35 13.45
N ASN G 101 14.43 7.75 13.09
CA ASN G 101 15.74 8.34 13.29
C ASN G 101 16.48 8.34 11.96
N VAL G 102 17.08 9.48 11.61
CA VAL G 102 17.81 9.63 10.36
C VAL G 102 19.29 9.83 10.68
N LEU G 103 20.15 9.16 9.91
CA LEU G 103 21.58 9.22 10.12
C LEU G 103 22.27 9.88 8.94
N PRO G 104 23.27 10.73 9.19
CA PRO G 104 24.00 11.35 8.08
C PRO G 104 24.76 10.31 7.26
N LEU G 105 24.90 10.58 5.97
CA LEU G 105 25.58 9.66 5.08
C LEU G 105 27.08 9.65 5.37
N LYS G 106 27.77 8.73 4.70
CA LYS G 106 29.22 8.57 4.86
C LYS G 106 29.97 9.82 4.41
N THR H 1 -44.44 -17.32 -19.12
CA THR H 1 -45.47 -17.76 -20.03
C THR H 1 -45.50 -16.89 -21.29
N ALA H 2 -46.67 -16.35 -21.61
CA ALA H 2 -46.80 -15.49 -22.78
C ALA H 2 -47.03 -14.04 -22.33
N PRO H 3 -46.40 -13.08 -23.01
CA PRO H 3 -46.61 -11.68 -22.63
C PRO H 3 -48.04 -11.22 -22.85
N THR H 4 -48.48 -10.30 -22.00
CA THR H 4 -49.79 -9.69 -22.10
C THR H 4 -49.63 -8.26 -22.61
N LEU H 5 -50.32 -7.94 -23.70
CA LEU H 5 -50.25 -6.61 -24.30
C LEU H 5 -51.63 -5.99 -24.32
N THR H 6 -51.78 -4.83 -23.70
CA THR H 6 -53.05 -4.12 -23.62
C THR H 6 -52.85 -2.67 -24.02
N VAL H 7 -53.79 -2.16 -24.81
CA VAL H 7 -53.78 -0.76 -25.26
C VAL H 7 -55.15 -0.18 -24.99
N THR H 8 -55.17 0.97 -24.31
CA THR H 8 -56.41 1.65 -23.98
C THR H 8 -56.26 3.12 -24.31
N PRO H 9 -57.24 3.74 -24.99
CA PRO H 9 -58.40 3.12 -25.65
C PRO H 9 -58.00 2.38 -26.92
N GLU H 10 -58.57 1.20 -27.18
CA GLU H 10 -58.26 0.49 -28.41
C GLU H 10 -58.57 1.33 -29.64
N GLN H 11 -59.66 2.11 -29.57
CA GLN H 11 -60.04 3.00 -30.64
C GLN H 11 -60.61 4.27 -30.00
N GLN H 12 -60.32 5.42 -30.60
CA GLN H 12 -60.80 6.68 -30.07
C GLN H 12 -61.04 7.66 -31.21
N THR H 13 -61.97 8.60 -30.98
CA THR H 13 -62.28 9.66 -31.93
C THR H 13 -62.18 11.00 -31.22
N VAL H 14 -61.35 11.89 -31.76
CA VAL H 14 -61.16 13.23 -31.21
C VAL H 14 -61.39 14.25 -32.32
N LYS H 15 -61.39 15.51 -31.94
CA LYS H 15 -61.51 16.62 -32.89
C LYS H 15 -60.14 17.26 -33.13
N VAL H 16 -60.11 18.17 -34.10
CA VAL H 16 -58.88 18.89 -34.41
C VAL H 16 -58.54 19.83 -33.27
N ASP H 17 -57.23 19.99 -33.00
CA ASP H 17 -56.69 20.84 -31.95
C ASP H 17 -56.97 20.30 -30.55
N GLU H 18 -57.17 18.99 -30.44
CA GLU H 18 -57.38 18.32 -29.16
C GLU H 18 -56.26 17.29 -28.97
N ASP H 19 -55.96 16.97 -27.71
CA ASP H 19 -54.89 16.05 -27.42
C ASP H 19 -55.39 14.61 -27.47
N ILE H 20 -54.53 13.72 -27.95
CA ILE H 20 -54.83 12.30 -28.09
C ILE H 20 -53.94 11.54 -27.14
N THR H 21 -54.55 10.78 -26.22
CA THR H 21 -53.81 10.02 -25.23
C THR H 21 -54.22 8.56 -25.29
N PHE H 22 -53.24 7.67 -25.22
CA PHE H 22 -53.49 6.24 -25.08
C PHE H 22 -52.35 5.63 -24.28
N THR H 23 -52.63 4.47 -23.69
CA THR H 23 -51.67 3.81 -22.81
C THR H 23 -51.43 2.39 -23.28
N VAL H 24 -50.16 2.01 -23.37
CA VAL H 24 -49.75 0.67 -23.75
C VAL H 24 -49.11 0.00 -22.55
N THR H 25 -49.57 -1.20 -22.21
CA THR H 25 -49.09 -1.94 -21.06
C THR H 25 -48.64 -3.33 -21.49
N VAL H 26 -47.46 -3.73 -21.04
CA VAL H 26 -46.94 -5.07 -21.31
C VAL H 26 -46.33 -5.61 -20.02
N GLU H 27 -46.62 -6.87 -19.72
CA GLU H 27 -46.04 -7.52 -18.55
C GLU H 27 -45.88 -9.01 -18.83
N ASP H 28 -44.93 -9.61 -18.12
CA ASP H 28 -44.67 -11.04 -18.21
C ASP H 28 -43.89 -11.45 -16.97
N GLU H 29 -43.52 -12.73 -16.93
CA GLU H 29 -42.75 -13.28 -15.82
C GLU H 29 -41.27 -12.94 -15.94
N ASN H 30 -40.83 -12.42 -17.08
CA ASN H 30 -39.45 -12.07 -17.34
C ASN H 30 -39.41 -10.75 -18.11
N GLU H 31 -38.19 -10.28 -18.39
CA GLU H 31 -38.00 -9.02 -19.10
C GLU H 31 -38.78 -9.00 -20.42
N VAL H 32 -39.57 -7.95 -20.60
CA VAL H 32 -40.36 -7.74 -21.81
C VAL H 32 -39.77 -6.58 -22.60
N GLU H 33 -39.87 -6.68 -23.91
CA GLU H 33 -39.47 -5.62 -24.83
C GLU H 33 -40.72 -5.00 -25.45
N LEU H 34 -40.96 -3.73 -25.15
CA LEU H 34 -42.09 -3.03 -25.73
C LEU H 34 -41.71 -2.61 -27.15
N GLY H 35 -42.48 -3.06 -28.13
CA GLY H 35 -42.18 -2.72 -29.51
C GLY H 35 -42.64 -1.33 -29.89
N LEU H 36 -41.68 -0.40 -29.97
CA LEU H 36 -41.97 0.99 -30.28
C LEU H 36 -41.60 1.36 -31.70
N ASP H 37 -41.22 0.39 -32.52
CA ASP H 37 -40.72 0.67 -33.86
C ASP H 37 -41.76 1.41 -34.70
N ASP H 38 -43.01 0.94 -34.66
CA ASP H 38 -44.06 1.61 -35.44
C ASP H 38 -44.36 2.99 -34.88
N LEU H 39 -44.41 3.12 -33.54
CA LEU H 39 -44.63 4.42 -32.93
C LEU H 39 -43.52 5.39 -33.31
N LYS H 40 -42.27 4.95 -33.27
CA LYS H 40 -41.14 5.79 -33.65
C LYS H 40 -41.25 6.22 -35.11
N ALA H 41 -41.59 5.28 -36.00
CA ALA H 41 -41.61 5.58 -37.43
C ALA H 41 -42.68 6.60 -37.78
N LYS H 42 -43.86 6.50 -37.17
CA LYS H 42 -44.96 7.38 -37.54
C LYS H 42 -44.76 8.81 -37.01
N TYR H 43 -44.11 8.96 -35.85
CA TYR H 43 -44.01 10.23 -35.16
C TYR H 43 -42.57 10.49 -34.72
N GLU H 44 -41.60 10.26 -35.61
CA GLU H 44 -40.20 10.46 -35.26
C GLU H 44 -39.93 11.92 -34.90
N ASN H 45 -40.18 12.83 -35.84
CA ASN H 45 -39.91 14.24 -35.60
C ASN H 45 -40.81 14.81 -34.51
N ASP H 46 -42.02 14.27 -34.37
CA ASP H 46 -42.93 14.76 -33.33
C ASP H 46 -42.45 14.33 -31.94
N ILE H 47 -41.90 13.13 -31.81
CA ILE H 47 -41.32 12.71 -30.54
C ILE H 47 -40.10 13.57 -30.21
N ILE H 48 -39.23 13.82 -31.19
CA ILE H 48 -38.03 14.59 -30.94
C ILE H 48 -38.37 16.06 -30.65
N GLY H 49 -39.44 16.58 -31.25
CA GLY H 49 -39.83 17.95 -31.08
C GLY H 49 -40.81 18.21 -29.96
N ALA H 50 -41.02 17.25 -29.06
CA ALA H 50 -41.90 17.36 -27.90
C ALA H 50 -43.38 17.51 -28.26
N ARG H 51 -43.75 17.35 -29.53
CA ARG H 51 -45.16 17.38 -29.89
C ARG H 51 -45.88 16.13 -29.43
N VAL H 52 -45.20 14.98 -29.47
CA VAL H 52 -45.71 13.74 -28.89
C VAL H 52 -44.88 13.44 -27.66
N LYS H 53 -45.55 13.37 -26.50
CA LYS H 53 -44.86 13.18 -25.23
C LYS H 53 -45.10 11.76 -24.72
N ILE H 54 -44.01 11.08 -24.38
CA ILE H 54 -44.04 9.70 -23.90
C ILE H 54 -43.66 9.70 -22.42
N LYS H 55 -44.57 9.19 -21.59
CA LYS H 55 -44.43 9.18 -20.14
C LYS H 55 -44.56 7.74 -19.64
N TYR H 56 -43.49 7.23 -19.05
CA TYR H 56 -43.48 5.86 -18.50
C TYR H 56 -44.12 5.89 -17.12
N LEU H 57 -45.36 5.39 -17.03
CA LEU H 57 -46.01 5.28 -15.72
C LEU H 57 -45.37 4.17 -14.89
N THR H 58 -44.87 3.12 -15.53
CA THR H 58 -44.16 2.03 -14.87
C THR H 58 -43.01 1.58 -15.75
N LYS H 59 -41.82 1.42 -15.15
CA LYS H 59 -40.63 1.00 -15.88
C LYS H 59 -39.93 -0.13 -15.14
N GLU H 60 -40.70 -1.10 -14.66
CA GLU H 60 -40.12 -2.31 -14.10
C GLU H 60 -39.62 -3.22 -15.22
N PRO H 61 -38.66 -4.10 -14.92
CA PRO H 61 -38.13 -4.99 -15.97
C PRO H 61 -39.18 -5.89 -16.59
N ASN H 62 -40.14 -6.38 -15.79
CA ASN H 62 -41.15 -7.30 -16.27
C ASN H 62 -42.51 -6.64 -16.43
N LYS H 63 -42.62 -5.34 -16.19
CA LYS H 63 -43.89 -4.62 -16.37
C LYS H 63 -43.57 -3.20 -16.80
N LYS H 64 -44.08 -2.80 -17.96
CA LYS H 64 -43.86 -1.46 -18.49
C LYS H 64 -45.19 -0.87 -18.92
N VAL H 65 -45.51 0.30 -18.37
CA VAL H 65 -46.73 1.04 -18.69
C VAL H 65 -46.32 2.35 -19.33
N MET H 66 -46.76 2.58 -20.57
CA MET H 66 -46.37 3.75 -21.34
C MET H 66 -47.61 4.54 -21.76
N GLU H 67 -47.59 5.84 -21.48
CA GLU H 67 -48.65 6.75 -21.84
C GLU H 67 -48.14 7.67 -22.94
N VAL H 68 -48.81 7.66 -24.09
CA VAL H 68 -48.43 8.46 -25.24
C VAL H 68 -49.50 9.52 -25.44
N THR H 69 -49.07 10.79 -25.52
CA THR H 69 -49.98 11.90 -25.73
C THR H 69 -49.57 12.66 -26.97
N ILE H 70 -50.43 12.65 -27.98
CA ILE H 70 -50.24 13.44 -29.20
C ILE H 70 -51.01 14.74 -29.02
N MET H 71 -50.28 15.86 -28.92
CA MET H 71 -50.91 17.13 -28.63
C MET H 71 -51.33 17.85 -29.90
N LYS H 72 -52.35 18.69 -29.77
CA LYS H 72 -52.91 19.48 -30.85
C LYS H 72 -53.13 18.63 -32.10
N ALA H 73 -54.21 17.84 -32.11
CA ALA H 73 -54.42 16.89 -33.19
C ALA H 73 -54.62 17.59 -34.52
N THR H 74 -54.07 16.98 -35.57
CA THR H 74 -54.31 17.38 -36.94
C THR H 74 -55.02 16.25 -37.67
N LEU H 75 -55.58 16.57 -38.83
CA LEU H 75 -56.27 15.54 -39.62
C LEU H 75 -55.32 14.45 -40.09
N ALA H 76 -54.01 14.70 -40.08
CA ALA H 76 -53.03 13.69 -40.46
C ALA H 76 -52.81 12.65 -39.37
N ASP H 77 -53.25 12.94 -38.14
CA ASP H 77 -53.11 11.97 -37.04
C ASP H 77 -54.10 10.81 -37.15
N LYS H 78 -55.07 10.89 -38.05
CA LYS H 78 -55.99 9.78 -38.27
C LYS H 78 -55.24 8.56 -38.81
N GLY H 79 -55.20 7.49 -38.02
CA GLY H 79 -54.47 6.31 -38.44
C GLY H 79 -54.45 5.27 -37.34
N ALA H 80 -53.47 4.38 -37.42
CA ALA H 80 -53.31 3.29 -36.47
C ALA H 80 -51.84 3.10 -36.14
N ILE H 81 -51.56 2.77 -34.88
CA ILE H 81 -50.20 2.53 -34.41
C ILE H 81 -50.16 1.13 -33.82
N THR H 82 -49.25 0.30 -34.34
CA THR H 82 -49.12 -1.09 -33.91
C THR H 82 -47.99 -1.22 -32.90
N PHE H 83 -48.21 -2.07 -31.90
CA PHE H 83 -47.24 -2.34 -30.85
C PHE H 83 -46.99 -3.83 -30.75
N THR H 84 -45.74 -4.20 -30.48
CA THR H 84 -45.35 -5.59 -30.32
C THR H 84 -44.77 -5.79 -28.91
N ALA H 85 -44.65 -7.06 -28.53
CA ALA H 85 -44.12 -7.40 -27.20
C ALA H 85 -43.63 -8.83 -27.22
N LYS H 86 -42.36 -9.03 -26.88
CA LYS H 86 -41.75 -10.34 -26.77
C LYS H 86 -40.93 -10.41 -25.50
N ASP H 87 -40.84 -11.61 -24.92
CA ASP H 87 -40.10 -11.83 -23.69
C ASP H 87 -38.68 -12.29 -23.98
N LYS H 88 -37.94 -12.62 -22.91
CA LYS H 88 -36.54 -13.03 -23.05
C LYS H 88 -36.41 -14.28 -23.90
N ALA H 89 -37.36 -15.20 -23.79
CA ALA H 89 -37.31 -16.44 -24.58
C ALA H 89 -37.75 -16.25 -26.01
N GLY H 90 -38.05 -15.02 -26.43
CA GLY H 90 -38.49 -14.75 -27.78
C GLY H 90 -39.95 -15.02 -28.06
N ASN H 91 -40.71 -15.46 -27.06
CA ASN H 91 -42.14 -15.73 -27.24
C ASN H 91 -42.88 -14.43 -27.51
N GLN H 92 -43.43 -14.29 -28.70
CA GLN H 92 -44.11 -13.07 -29.07
C GLN H 92 -45.55 -13.08 -28.58
N ALA H 93 -46.03 -11.90 -28.22
CA ALA H 93 -47.41 -11.68 -27.82
C ALA H 93 -48.22 -11.17 -29.01
N GLU H 94 -49.53 -11.28 -28.91
CA GLU H 94 -50.41 -10.83 -29.98
C GLU H 94 -50.31 -9.33 -30.17
N PRO H 95 -49.89 -8.84 -31.34
CA PRO H 95 -49.77 -7.39 -31.51
C PRO H 95 -51.12 -6.71 -31.38
N LYS H 96 -51.12 -5.56 -30.70
CA LYS H 96 -52.31 -4.78 -30.48
C LYS H 96 -52.12 -3.41 -31.11
N THR H 97 -53.19 -2.85 -31.67
CA THR H 97 -53.12 -1.58 -32.35
C THR H 97 -54.13 -0.61 -31.75
N VAL H 98 -53.78 0.67 -31.75
CA VAL H 98 -54.66 1.75 -31.34
C VAL H 98 -55.09 2.49 -32.60
N THR H 99 -56.39 2.72 -32.74
CA THR H 99 -56.95 3.43 -33.89
C THR H 99 -57.36 4.83 -33.46
N ILE H 100 -57.00 5.83 -34.26
CA ILE H 100 -57.31 7.23 -33.98
C ILE H 100 -58.04 7.82 -35.18
N ASN H 101 -59.11 8.56 -34.90
CA ASN H 101 -59.88 9.27 -35.92
C ASN H 101 -60.01 10.72 -35.49
N VAL H 102 -59.74 11.65 -36.41
CA VAL H 102 -59.81 13.08 -36.14
C VAL H 102 -60.93 13.68 -36.96
N LEU H 103 -61.70 14.57 -36.34
CA LEU H 103 -62.85 15.19 -36.97
C LEU H 103 -62.63 16.69 -37.13
N PRO H 104 -63.06 17.28 -38.25
CA PRO H 104 -62.90 18.73 -38.42
C PRO H 104 -63.72 19.49 -37.39
N LEU H 105 -63.21 20.69 -37.05
CA LEU H 105 -63.88 21.51 -36.03
C LEU H 105 -65.21 22.05 -36.52
N LYS H 106 -65.37 22.23 -37.83
CA LYS H 106 -66.62 22.73 -38.42
C LYS H 106 -67.03 24.08 -37.82
#